data_3N1S
#
_entry.id   3N1S
#
_cell.length_a   75.183
_cell.length_b   65.298
_cell.length_c   99.122
_cell.angle_alpha   90.00
_cell.angle_beta   109.75
_cell.angle_gamma   90.00
#
_symmetry.space_group_name_H-M   'P 1 21 1'
#
loop_
_entity.id
_entity.type
_entity.pdbx_description
1 polymer 'HIT-like protein hinT'
2 non-polymer "GUANOSINE-5'-MONOPHOSPHATE"
3 non-polymer 1,2-ETHANEDIOL
4 water water
#
_entity_poly.entity_id   1
_entity_poly.type   'polypeptide(L)'
_entity_poly.pdbx_seq_one_letter_code
;MAEETIFSKIIRREIPSDIVYQDDLVTAFRDISPQAPTHILIIPNILIPTVNDVSAEHEQALGRMITVAAKIAEQEGIAE
DGYRLIMNTNRHGGQEVYHIHMHLLGGRPLGPMLAHKGL
;
_entity_poly.pdbx_strand_id   A,B,E,F,I,J,M,N
#
loop_
_chem_comp.id
_chem_comp.type
_chem_comp.name
_chem_comp.formula
5GP non-polymer GUANOSINE-5'-MONOPHOSPHATE 'C10 H14 N5 O8 P'
EDO non-polymer 1,2-ETHANEDIOL 'C2 H6 O2'
#
# COMPACT_ATOMS: atom_id res chain seq x y z
N MET A 1 4.27 -8.83 -6.23
CA MET A 1 4.59 -7.43 -6.63
C MET A 1 5.53 -6.75 -5.63
N ALA A 2 6.53 -6.04 -6.14
CA ALA A 2 7.59 -5.43 -5.33
C ALA A 2 8.38 -6.48 -4.53
N GLU A 3 9.28 -6.02 -3.66
CA GLU A 3 10.18 -6.90 -2.91
C GLU A 3 9.46 -7.70 -1.84
N GLU A 4 9.37 -9.00 -2.07
CA GLU A 4 8.71 -9.88 -1.13
C GLU A 4 9.70 -10.35 -0.09
N THR A 5 9.19 -10.55 1.11
CA THR A 5 9.98 -11.17 2.16
C THR A 5 9.57 -12.64 2.22
N ILE A 6 10.21 -13.38 3.11
CA ILE A 6 9.83 -14.75 3.37
C ILE A 6 8.36 -14.87 3.81
N PHE A 7 7.81 -13.79 4.37
CA PHE A 7 6.41 -13.82 4.78
C PHE A 7 5.45 -13.98 3.60
N SER A 8 5.83 -13.47 2.43
CA SER A 8 5.05 -13.69 1.19
C SER A 8 4.94 -15.19 0.88
N LYS A 9 6.07 -15.89 1.01
CA LYS A 9 6.10 -17.34 0.78
C LYS A 9 5.26 -18.10 1.81
N ILE A 10 5.27 -17.62 3.05
CA ILE A 10 4.45 -18.21 4.10
C ILE A 10 2.95 -18.06 3.78
N ILE A 11 2.51 -16.83 3.48
CA ILE A 11 1.10 -16.60 3.20
C ILE A 11 0.58 -17.36 1.98
N ARG A 12 1.42 -17.41 0.93
N ARG A 12 1.41 -17.53 0.95
CA ARG A 12 1.08 -18.05 -0.34
CA ARG A 12 1.02 -18.33 -0.21
C ARG A 12 1.36 -19.55 -0.31
C ARG A 12 1.23 -19.84 -0.03
N ARG A 13 1.61 -20.07 0.90
N ARG A 13 1.71 -20.24 1.15
CA ARG A 13 1.87 -21.50 1.12
CA ARG A 13 2.05 -21.64 1.42
C ARG A 13 2.93 -22.07 0.16
C ARG A 13 3.04 -22.19 0.38
N GLU A 14 4.07 -21.39 0.09
CA GLU A 14 5.16 -21.81 -0.79
C GLU A 14 6.32 -22.34 0.04
N ILE A 15 6.28 -22.06 1.35
CA ILE A 15 7.21 -22.66 2.29
C ILE A 15 6.44 -23.05 3.56
N PRO A 16 6.92 -24.07 4.29
CA PRO A 16 6.24 -24.50 5.51
C PRO A 16 6.08 -23.44 6.62
N SER A 17 4.97 -23.51 7.33
CA SER A 17 4.70 -22.70 8.52
C SER A 17 3.56 -23.33 9.30
N ASP A 18 3.29 -22.79 10.49
CA ASP A 18 2.14 -23.24 11.26
C ASP A 18 1.09 -22.12 11.25
N ILE A 19 0.22 -22.16 10.23
CA ILE A 19 -0.81 -21.14 10.07
C ILE A 19 -1.97 -21.47 10.98
N VAL A 20 -2.36 -20.49 11.80
CA VAL A 20 -3.42 -20.69 12.78
C VAL A 20 -4.72 -20.00 12.37
N TYR A 21 -4.62 -19.11 11.39
CA TYR A 21 -5.78 -18.40 10.84
C TYR A 21 -5.43 -17.85 9.47
N GLN A 22 -6.37 -17.93 8.52
CA GLN A 22 -6.19 -17.23 7.26
C GLN A 22 -7.55 -16.88 6.64
N ASP A 23 -7.69 -15.62 6.23
CA ASP A 23 -8.83 -15.16 5.41
C ASP A 23 -8.32 -14.33 4.23
N ASP A 24 -9.21 -13.62 3.53
CA ASP A 24 -8.80 -12.85 2.35
C ASP A 24 -7.90 -11.68 2.71
N LEU A 25 -7.93 -11.26 3.97
CA LEU A 25 -7.21 -10.06 4.39
C LEU A 25 -5.95 -10.30 5.18
N VAL A 26 -5.95 -11.33 6.03
N VAL A 26 -5.96 -11.30 6.07
CA VAL A 26 -4.85 -11.57 6.96
CA VAL A 26 -4.82 -11.54 6.97
C VAL A 26 -4.43 -13.05 7.00
C VAL A 26 -4.50 -13.02 7.21
N THR A 27 -3.24 -13.29 7.54
CA THR A 27 -2.75 -14.63 7.84
C THR A 27 -2.05 -14.55 9.19
N ALA A 28 -2.30 -15.52 10.06
CA ALA A 28 -1.61 -15.59 11.36
C ALA A 28 -0.91 -16.95 11.47
N PHE A 29 0.34 -16.94 11.93
CA PHE A 29 1.17 -18.16 12.00
C PHE A 29 2.08 -18.08 13.23
N ARG A 30 2.42 -19.22 13.82
CA ARG A 30 3.28 -19.21 15.00
C ARG A 30 4.67 -18.70 14.67
N ASP A 31 5.26 -17.93 15.59
CA ASP A 31 6.63 -17.45 15.41
C ASP A 31 7.62 -18.62 15.48
N ILE A 32 8.60 -18.63 14.59
CA ILE A 32 9.64 -19.69 14.56
C ILE A 32 10.48 -19.71 15.85
N SER A 33 10.59 -18.56 16.50
CA SER A 33 11.40 -18.41 17.70
C SER A 33 10.57 -17.75 18.80
N PRO A 34 9.69 -18.52 19.47
CA PRO A 34 8.72 -17.90 20.36
C PRO A 34 9.36 -17.26 21.59
N GLN A 35 8.90 -16.06 21.92
CA GLN A 35 9.41 -15.33 23.09
C GLN A 35 8.46 -15.37 24.27
N ALA A 36 7.32 -16.04 24.11
CA ALA A 36 6.35 -16.23 25.16
C ALA A 36 5.60 -17.53 24.85
N PRO A 37 4.91 -18.14 25.85
CA PRO A 37 4.21 -19.40 25.58
C PRO A 37 3.30 -19.34 24.34
N THR A 38 2.57 -18.24 24.17
CA THR A 38 1.92 -17.92 22.90
C THR A 38 2.71 -16.81 22.24
N HIS A 39 3.14 -17.07 21.02
CA HIS A 39 3.81 -16.06 20.21
C HIS A 39 3.40 -16.27 18.76
N ILE A 40 2.46 -15.45 18.31
CA ILE A 40 1.86 -15.62 17.00
C ILE A 40 2.02 -14.33 16.21
N LEU A 41 2.37 -14.44 14.94
CA LEU A 41 2.50 -13.28 14.06
C LEU A 41 1.23 -13.14 13.23
N ILE A 42 0.74 -11.91 13.10
CA ILE A 42 -0.48 -11.62 12.35
C ILE A 42 -0.10 -10.58 11.30
N ILE A 43 -0.36 -10.89 10.04
CA ILE A 43 0.13 -10.07 8.96
C ILE A 43 -0.96 -9.88 7.90
N PRO A 44 -0.95 -8.71 7.22
CA PRO A 44 -1.88 -8.51 6.09
C PRO A 44 -1.36 -9.30 4.90
N ASN A 45 -2.27 -9.77 4.04
CA ASN A 45 -1.88 -10.59 2.90
C ASN A 45 -1.19 -9.84 1.78
N ILE A 46 -1.26 -8.52 1.81
CA ILE A 46 -0.53 -7.69 0.85
C ILE A 46 0.80 -7.17 1.39
N LEU A 47 1.71 -6.87 0.48
CA LEU A 47 3.05 -6.42 0.83
C LEU A 47 3.15 -4.94 1.20
N ILE A 48 3.03 -4.67 2.49
CA ILE A 48 3.27 -3.35 3.04
C ILE A 48 4.55 -3.50 3.83
N PRO A 49 5.66 -2.89 3.36
CA PRO A 49 6.95 -3.16 4.04
C PRO A 49 7.07 -2.72 5.51
N THR A 50 6.62 -1.49 5.80
CA THR A 50 6.66 -0.93 7.15
C THR A 50 5.36 -0.19 7.42
N VAL A 51 5.13 0.14 8.69
CA VAL A 51 3.96 0.90 9.08
C VAL A 51 3.95 2.28 8.38
N ASN A 52 5.11 2.78 7.98
CA ASN A 52 5.17 4.04 7.26
C ASN A 52 4.47 3.98 5.89
N ASP A 53 4.27 2.77 5.40
CA ASP A 53 3.74 2.55 4.06
C ASP A 53 2.23 2.28 4.01
N VAL A 54 1.57 2.38 5.16
CA VAL A 54 0.14 2.14 5.17
C VAL A 54 -0.65 3.26 4.53
N SER A 55 -1.83 2.91 4.04
CA SER A 55 -2.69 3.78 3.30
C SER A 55 -4.14 3.52 3.72
N ALA A 56 -5.02 4.47 3.42
CA ALA A 56 -6.41 4.35 3.85
C ALA A 56 -7.08 3.05 3.43
N GLU A 57 -6.81 2.58 2.21
CA GLU A 57 -7.45 1.37 1.71
C GLU A 57 -7.03 0.09 2.46
N HIS A 58 -5.94 0.20 3.24
CA HIS A 58 -5.48 -0.92 4.09
C HIS A 58 -6.20 -1.00 5.42
N GLU A 59 -7.00 0.01 5.76
CA GLU A 59 -7.53 0.09 7.13
C GLU A 59 -8.37 -1.13 7.52
N GLN A 60 -9.16 -1.67 6.59
CA GLN A 60 -9.94 -2.86 6.95
C GLN A 60 -9.03 -4.04 7.33
N ALA A 61 -8.00 -4.28 6.54
CA ALA A 61 -7.06 -5.37 6.82
C ALA A 61 -6.27 -5.12 8.10
N LEU A 62 -5.87 -3.87 8.35
CA LEU A 62 -5.17 -3.51 9.57
C LEU A 62 -6.06 -3.78 10.79
N GLY A 63 -7.34 -3.40 10.71
CA GLY A 63 -8.28 -3.70 11.78
C GLY A 63 -8.52 -5.20 11.95
N ARG A 64 -8.57 -5.93 10.84
CA ARG A 64 -8.73 -7.39 10.83
C ARG A 64 -7.57 -8.04 11.59
N MET A 65 -6.37 -7.46 11.53
CA MET A 65 -5.24 -8.00 12.28
CA MET A 65 -5.23 -7.98 12.29
C MET A 65 -5.58 -8.06 13.77
N ILE A 66 -6.23 -7.03 14.28
CA ILE A 66 -6.55 -6.92 15.70
C ILE A 66 -7.75 -7.80 16.10
N THR A 67 -8.80 -7.83 15.29
CA THR A 67 -9.93 -8.73 15.62
C THR A 67 -9.49 -10.20 15.54
N VAL A 68 -8.63 -10.51 14.59
CA VAL A 68 -8.02 -11.86 14.52
C VAL A 68 -7.18 -12.14 15.76
N ALA A 69 -6.38 -11.15 16.19
CA ALA A 69 -5.62 -11.31 17.42
C ALA A 69 -6.50 -11.68 18.60
N ALA A 70 -7.63 -10.99 18.74
CA ALA A 70 -8.56 -11.27 19.83
C ALA A 70 -9.13 -12.70 19.74
N LYS A 71 -9.51 -13.12 18.54
CA LYS A 71 -10.01 -14.49 18.29
C LYS A 71 -8.94 -15.52 18.70
N ILE A 72 -7.72 -15.33 18.24
CA ILE A 72 -6.62 -16.25 18.51
C ILE A 72 -6.28 -16.27 20.00
N ALA A 73 -6.26 -15.12 20.65
CA ALA A 73 -5.97 -15.04 22.08
C ALA A 73 -6.97 -15.88 22.87
N GLU A 74 -8.22 -15.85 22.44
CA GLU A 74 -9.25 -16.64 23.12
C GLU A 74 -9.04 -18.15 22.93
N GLN A 75 -8.74 -18.54 21.69
CA GLN A 75 -8.41 -19.92 21.33
C GLN A 75 -7.21 -20.46 22.12
N GLU A 76 -6.21 -19.62 22.33
CA GLU A 76 -4.94 -19.98 22.95
C GLU A 76 -5.05 -20.10 24.47
N GLY A 77 -6.16 -19.62 25.02
CA GLY A 77 -6.40 -19.62 26.45
C GLY A 77 -5.77 -18.48 27.22
N ILE A 78 -5.41 -17.40 26.51
CA ILE A 78 -4.71 -16.29 27.15
C ILE A 78 -5.56 -15.02 27.26
N ALA A 79 -6.78 -15.05 26.72
CA ALA A 79 -7.60 -13.83 26.65
C ALA A 79 -7.89 -13.24 28.02
N GLU A 80 -8.25 -14.08 28.99
CA GLU A 80 -8.63 -13.57 30.29
C GLU A 80 -7.44 -13.07 31.09
N ASP A 81 -6.36 -13.85 31.09
CA ASP A 81 -5.15 -13.50 31.85
C ASP A 81 -4.52 -12.25 31.23
N GLY A 82 -4.44 -12.24 29.90
CA GLY A 82 -3.96 -11.06 29.18
C GLY A 82 -2.83 -11.33 28.21
N TYR A 83 -2.49 -10.29 27.43
CA TYR A 83 -1.57 -10.43 26.33
C TYR A 83 -1.14 -9.05 25.82
N ARG A 84 -0.09 -9.05 25.01
CA ARG A 84 0.39 -7.79 24.43
C ARG A 84 0.45 -7.97 22.92
N LEU A 85 0.13 -6.90 22.18
CA LEU A 85 0.27 -6.82 20.72
C LEU A 85 1.36 -5.80 20.45
N ILE A 86 2.32 -6.16 19.60
CA ILE A 86 3.46 -5.28 19.31
C ILE A 86 3.74 -5.26 17.82
N MET A 87 3.91 -4.05 17.28
CA MET A 87 4.38 -3.85 15.92
CA MET A 87 4.42 -3.87 15.92
C MET A 87 5.70 -3.08 15.97
N ASN A 88 6.76 -3.67 15.40
CA ASN A 88 8.08 -3.03 15.33
C ASN A 88 8.35 -2.41 13.97
N THR A 89 8.81 -1.17 13.99
CA THR A 89 9.14 -0.46 12.74
C THR A 89 10.58 0.06 12.73
N ASN A 90 11.28 -0.29 11.65
CA ASN A 90 12.65 0.17 11.35
C ASN A 90 13.64 -0.12 12.49
N ARG A 91 14.76 0.57 12.46
CA ARG A 91 15.85 0.26 13.34
C ARG A 91 15.54 0.37 14.83
N HIS A 92 14.99 1.52 15.22
CA HIS A 92 14.73 1.83 16.61
C HIS A 92 13.67 0.88 17.18
N GLY A 93 12.77 0.42 16.32
CA GLY A 93 11.79 -0.61 16.70
C GLY A 93 12.31 -2.03 16.64
N GLY A 94 13.45 -2.23 15.96
CA GLY A 94 14.06 -3.55 15.82
C GLY A 94 13.41 -4.44 14.78
N GLN A 95 12.73 -3.84 13.80
CA GLN A 95 12.14 -4.60 12.69
C GLN A 95 13.25 -5.37 11.94
N GLU A 96 13.00 -6.66 11.76
CA GLU A 96 13.91 -7.58 11.06
C GLU A 96 13.32 -7.99 9.71
N VAL A 97 12.00 -8.20 9.65
CA VAL A 97 11.32 -8.64 8.43
C VAL A 97 10.48 -7.50 7.88
N TYR A 98 10.76 -7.08 6.65
CA TYR A 98 10.14 -5.88 6.10
C TYR A 98 8.84 -6.13 5.32
N HIS A 99 7.89 -6.73 6.05
CA HIS A 99 6.48 -6.92 5.69
C HIS A 99 5.78 -6.69 7.05
N ILE A 100 4.86 -5.73 7.13
CA ILE A 100 4.32 -5.38 8.45
CA ILE A 100 4.24 -5.35 8.42
C ILE A 100 3.66 -6.55 9.14
N HIS A 101 3.82 -6.57 10.45
CA HIS A 101 3.30 -7.68 11.22
C HIS A 101 3.14 -7.31 12.67
N MET A 102 2.13 -7.92 13.28
CA MET A 102 1.88 -7.73 14.69
CA MET A 102 1.88 -7.75 14.71
C MET A 102 2.24 -9.03 15.43
N HIS A 103 2.95 -8.88 16.53
CA HIS A 103 3.23 -9.99 17.44
C HIS A 103 2.14 -10.07 18.49
N LEU A 104 1.51 -11.24 18.62
CA LEU A 104 0.63 -11.54 19.74
C LEU A 104 1.41 -12.40 20.73
N LEU A 105 1.54 -11.88 21.95
CA LEU A 105 2.40 -12.46 22.99
C LEU A 105 1.59 -12.66 24.27
N GLY A 106 1.66 -13.87 24.84
CA GLY A 106 0.94 -14.12 26.08
C GLY A 106 1.30 -15.45 26.71
N GLY A 107 0.62 -15.77 27.80
CA GLY A 107 0.82 -17.06 28.49
C GLY A 107 1.56 -16.94 29.80
N ARG A 108 2.03 -15.73 30.11
N ARG A 108 2.02 -15.73 30.11
CA ARG A 108 2.67 -15.42 31.38
CA ARG A 108 2.68 -15.42 31.37
C ARG A 108 2.67 -13.91 31.56
C ARG A 108 2.61 -13.91 31.57
N PRO A 109 2.88 -13.43 32.80
CA PRO A 109 3.00 -11.98 33.02
C PRO A 109 4.13 -11.43 32.14
N LEU A 110 3.85 -10.40 31.36
CA LEU A 110 4.78 -9.99 30.32
C LEU A 110 5.74 -8.88 30.73
N GLY A 111 5.58 -8.39 31.96
CA GLY A 111 6.49 -7.36 32.49
C GLY A 111 6.33 -6.01 31.82
N PRO A 112 7.33 -5.13 31.99
CA PRO A 112 7.26 -3.77 31.43
C PRO A 112 7.23 -3.74 29.92
N MET A 113 6.59 -2.72 29.34
CA MET A 113 6.58 -2.53 27.90
C MET A 113 7.98 -2.40 27.35
N LEU A 114 8.79 -1.59 28.03
CA LEU A 114 10.16 -1.27 27.61
C LEU A 114 11.10 -1.59 28.73
N ALA A 115 12.35 -2.02 28.43
CA ALA A 115 13.42 -2.15 29.40
C ALA A 115 13.63 -0.81 30.11
N HIS A 116 13.56 -0.84 31.44
CA HIS A 116 13.77 0.31 32.34
C HIS A 116 12.71 1.41 32.36
N LYS A 117 12.30 1.87 31.18
CA LYS A 117 11.14 2.77 30.99
C LYS A 117 11.16 3.26 29.55
N ALA B 2 -19.65 -1.63 30.26
CA ALA B 2 -18.48 -1.08 31.00
C ALA B 2 -18.59 0.42 31.20
N GLU B 3 -17.84 0.93 32.17
CA GLU B 3 -17.84 2.37 32.40
C GLU B 3 -16.73 3.07 31.64
N GLU B 4 -17.01 4.31 31.27
CA GLU B 4 -16.02 5.13 30.57
C GLU B 4 -14.86 5.50 31.51
N THR B 5 -13.69 5.63 30.91
CA THR B 5 -12.49 6.08 31.60
C THR B 5 -12.31 7.58 31.34
N ILE B 6 -11.26 8.14 31.92
CA ILE B 6 -10.92 9.54 31.67
C ILE B 6 -10.67 9.86 30.18
N PHE B 7 -10.30 8.85 29.40
CA PHE B 7 -10.04 9.06 27.96
C PHE B 7 -11.29 9.61 27.29
N SER B 8 -12.48 9.18 27.73
CA SER B 8 -13.72 9.69 27.12
C SER B 8 -13.92 11.18 27.34
N LYS B 9 -13.55 11.67 28.51
CA LYS B 9 -13.62 13.10 28.80
C LYS B 9 -12.61 13.90 27.96
N ILE B 10 -11.46 13.29 27.70
CA ILE B 10 -10.45 13.90 26.83
C ILE B 10 -10.97 13.96 25.37
N ILE B 11 -11.41 12.81 24.86
CA ILE B 11 -11.95 12.71 23.51
C ILE B 11 -13.02 13.77 23.22
N ARG B 12 -13.96 13.92 24.14
N ARG B 12 -13.96 13.91 24.16
CA ARG B 12 -15.09 14.81 23.87
CA ARG B 12 -15.12 14.79 24.00
C ARG B 12 -14.84 16.24 24.34
C ARG B 12 -14.87 16.19 24.52
N ARG B 13 -13.60 16.51 24.80
CA ARG B 13 -13.17 17.88 25.15
C ARG B 13 -13.95 18.43 26.35
N GLU B 14 -14.21 17.53 27.29
CA GLU B 14 -14.96 17.85 28.51
C GLU B 14 -14.01 18.34 29.60
N ILE B 15 -12.72 18.02 29.45
CA ILE B 15 -11.66 18.50 30.33
C ILE B 15 -10.52 19.05 29.45
N PRO B 16 -9.64 19.92 30.02
CA PRO B 16 -8.54 20.46 29.21
C PRO B 16 -7.62 19.38 28.66
N SER B 17 -7.11 19.60 27.46
CA SER B 17 -6.19 18.65 26.86
C SER B 17 -5.41 19.35 25.77
N ASP B 18 -4.40 18.66 25.25
CA ASP B 18 -3.74 19.08 24.02
C ASP B 18 -3.78 17.89 23.08
N ILE B 19 -4.81 17.85 22.25
CA ILE B 19 -5.01 16.70 21.36
C ILE B 19 -4.09 16.83 20.16
N VAL B 20 -3.31 15.80 19.88
CA VAL B 20 -2.35 15.74 18.78
C VAL B 20 -3.05 15.48 17.43
N TYR B 21 -4.08 14.63 17.48
CA TYR B 21 -4.82 14.25 16.29
C TYR B 21 -6.23 13.89 16.71
N GLN B 22 -7.23 14.32 15.94
CA GLN B 22 -8.57 13.77 16.15
C GLN B 22 -9.34 13.74 14.85
N ASP B 23 -9.99 12.63 14.56
CA ASP B 23 -10.94 12.59 13.47
C ASP B 23 -12.21 11.86 13.95
N ASP B 24 -13.03 11.42 13.01
CA ASP B 24 -14.31 10.79 13.37
C ASP B 24 -14.12 9.53 14.21
N LEU B 25 -12.98 8.87 14.06
CA LEU B 25 -12.78 7.53 14.63
C LEU B 25 -11.77 7.42 15.76
N VAL B 26 -10.74 8.27 15.74
CA VAL B 26 -9.63 8.14 16.69
CA VAL B 26 -9.59 8.14 16.63
C VAL B 26 -9.17 9.49 17.23
N THR B 27 -8.58 9.45 18.43
CA THR B 27 -8.01 10.62 19.12
C THR B 27 -6.63 10.21 19.61
N ALA B 28 -5.66 11.12 19.48
CA ALA B 28 -4.30 10.87 19.94
C ALA B 28 -3.81 12.01 20.82
N PHE B 29 -3.06 11.66 21.86
CA PHE B 29 -2.46 12.67 22.76
C PHE B 29 -1.26 12.08 23.48
N ARG B 30 -0.41 12.95 24.04
CA ARG B 30 0.80 12.51 24.72
C ARG B 30 0.49 11.85 26.06
N ASP B 31 1.24 10.80 26.40
CA ASP B 31 1.12 10.13 27.68
C ASP B 31 1.57 11.02 28.84
N ILE B 32 0.87 10.91 29.95
CA ILE B 32 1.20 11.68 31.15
C ILE B 32 2.52 11.28 31.77
N SER B 33 2.99 10.08 31.47
N SER B 33 2.98 10.06 31.51
CA SER B 33 4.23 9.57 32.00
CA SER B 33 4.25 9.58 32.02
C SER B 33 5.03 8.92 30.88
C SER B 33 5.02 8.93 30.87
N PRO B 34 5.65 9.76 30.03
CA PRO B 34 6.32 9.26 28.81
C PRO B 34 7.46 8.31 29.09
N GLN B 35 7.47 7.21 28.35
CA GLN B 35 8.50 6.19 28.44
C GLN B 35 9.51 6.25 27.29
N ALA B 36 9.34 7.20 26.37
CA ALA B 36 10.28 7.41 25.26
C ALA B 36 10.14 8.86 24.83
N PRO B 37 11.10 9.40 24.07
CA PRO B 37 10.95 10.80 23.65
C PRO B 37 9.62 11.10 22.91
N THR B 38 9.15 10.12 22.13
CA THR B 38 7.78 10.15 21.63
C THR B 38 7.05 9.04 22.38
N HIS B 39 5.98 9.44 23.06
CA HIS B 39 5.07 8.49 23.69
C HIS B 39 3.67 9.05 23.59
N ILE B 40 2.98 8.60 22.54
CA ILE B 40 1.66 9.11 22.19
C ILE B 40 0.65 7.98 22.21
N LEU B 41 -0.50 8.22 22.84
CA LEU B 41 -1.57 7.23 22.88
C LEU B 41 -2.52 7.49 21.72
N ILE B 42 -2.95 6.42 21.04
CA ILE B 42 -3.89 6.50 19.90
C ILE B 42 -5.08 5.62 20.28
N ILE B 43 -6.25 6.25 20.36
CA ILE B 43 -7.40 5.61 20.98
CA ILE B 43 -7.42 5.71 21.04
C ILE B 43 -8.64 5.77 20.11
N PRO B 44 -9.46 4.70 20.01
CA PRO B 44 -10.73 4.82 19.29
C PRO B 44 -11.69 5.71 20.06
N ASN B 45 -12.48 6.53 19.38
CA ASN B 45 -13.41 7.43 20.08
C ASN B 45 -14.51 6.73 20.87
N ILE B 46 -14.83 5.51 20.45
CA ILE B 46 -15.83 4.67 21.11
C ILE B 46 -15.15 3.84 22.20
N LEU B 47 -15.82 3.69 23.35
CA LEU B 47 -15.32 2.86 24.43
C LEU B 47 -15.39 1.38 24.06
N ILE B 48 -14.23 0.76 24.03
CA ILE B 48 -14.06 -0.67 23.87
C ILE B 48 -13.09 -0.99 24.99
N PRO B 49 -13.55 -1.63 26.09
CA PRO B 49 -12.70 -1.75 27.28
C PRO B 49 -11.38 -2.50 27.10
N THR B 50 -11.42 -3.61 26.38
CA THR B 50 -10.24 -4.44 26.13
C THR B 50 -10.25 -4.96 24.71
N VAL B 51 -9.11 -5.43 24.24
CA VAL B 51 -9.03 -6.03 22.91
C VAL B 51 -9.95 -7.26 22.76
N ASN B 52 -10.27 -7.90 23.88
CA ASN B 52 -11.22 -9.02 23.81
C ASN B 52 -12.62 -8.59 23.35
N ASP B 53 -12.91 -7.30 23.45
CA ASP B 53 -14.24 -6.76 23.18
C ASP B 53 -14.44 -6.23 21.75
N VAL B 54 -13.41 -6.33 20.91
CA VAL B 54 -13.53 -5.83 19.54
C VAL B 54 -14.40 -6.77 18.69
N SER B 55 -14.99 -6.20 17.65
CA SER B 55 -15.72 -6.96 16.67
C SER B 55 -15.59 -6.32 15.30
N ALA B 56 -16.21 -6.95 14.30
CA ALA B 56 -16.09 -6.50 12.91
C ALA B 56 -16.38 -5.02 12.74
N GLU B 57 -17.40 -4.51 13.43
CA GLU B 57 -17.77 -3.10 13.27
C GLU B 57 -16.69 -2.11 13.71
N HIS B 58 -15.73 -2.57 14.51
CA HIS B 58 -14.62 -1.74 14.98
C HIS B 58 -13.42 -1.75 14.05
N GLU B 59 -13.41 -2.60 13.02
CA GLU B 59 -12.19 -2.76 12.19
C GLU B 59 -11.73 -1.49 11.51
N GLN B 60 -12.66 -0.67 11.03
N GLN B 60 -12.66 -0.66 11.05
CA GLN B 60 -12.25 0.57 10.38
CA GLN B 60 -12.28 0.58 10.38
C GLN B 60 -11.49 1.45 11.39
C GLN B 60 -11.58 1.55 11.33
N ALA B 61 -12.08 1.67 12.55
CA ALA B 61 -11.45 2.46 13.61
C ALA B 61 -10.10 1.89 14.05
N LEU B 62 -10.02 0.56 14.17
CA LEU B 62 -8.79 -0.10 14.58
C LEU B 62 -7.69 0.10 13.54
N GLY B 63 -8.08 0.02 12.26
CA GLY B 63 -7.14 0.27 11.17
C GLY B 63 -6.69 1.73 11.17
N ARG B 64 -7.62 2.63 11.45
CA ARG B 64 -7.35 4.05 11.55
C ARG B 64 -6.31 4.35 12.62
N MET B 65 -6.33 3.58 13.72
N MET B 65 -6.31 3.58 13.70
CA MET B 65 -5.29 3.77 14.74
CA MET B 65 -5.31 3.78 14.75
C MET B 65 -3.91 3.71 14.11
C MET B 65 -3.88 3.60 14.21
N ILE B 66 -3.72 2.72 13.22
CA ILE B 66 -2.41 2.44 12.66
C ILE B 66 -2.04 3.46 11.58
N THR B 67 -2.98 3.85 10.73
CA THR B 67 -2.65 4.88 9.75
C THR B 67 -2.40 6.21 10.44
N VAL B 68 -3.10 6.49 11.54
CA VAL B 68 -2.83 7.70 12.30
C VAL B 68 -1.46 7.61 12.98
N ALA B 69 -1.10 6.42 13.45
CA ALA B 69 0.23 6.25 14.02
C ALA B 69 1.31 6.62 13.01
N ALA B 70 1.15 6.16 11.78
CA ALA B 70 2.14 6.46 10.71
C ALA B 70 2.25 7.97 10.49
N LYS B 71 1.11 8.67 10.49
CA LYS B 71 1.10 10.12 10.30
C LYS B 71 1.81 10.80 11.43
N ILE B 72 1.51 10.41 12.66
CA ILE B 72 2.10 11.05 13.81
C ILE B 72 3.60 10.75 13.89
N ALA B 73 4.01 9.52 13.60
CA ALA B 73 5.44 9.19 13.60
C ALA B 73 6.21 10.10 12.63
N GLU B 74 5.63 10.37 11.47
CA GLU B 74 6.28 11.22 10.49
C GLU B 74 6.38 12.65 11.05
N GLN B 75 5.28 13.16 11.61
CA GLN B 75 5.29 14.49 12.22
C GLN B 75 6.30 14.65 13.36
N GLU B 76 6.49 13.57 14.12
CA GLU B 76 7.41 13.57 15.26
C GLU B 76 8.89 13.47 14.86
N GLY B 77 9.15 13.16 13.59
CA GLY B 77 10.53 13.01 13.12
C GLY B 77 11.14 11.66 13.46
N ILE B 78 10.29 10.67 13.72
CA ILE B 78 10.78 9.36 14.15
C ILE B 78 10.54 8.25 13.12
N ALA B 79 9.90 8.59 12.00
CA ALA B 79 9.45 7.58 11.02
C ALA B 79 10.61 6.78 10.40
N GLU B 80 11.71 7.48 10.08
CA GLU B 80 12.85 6.80 9.48
C GLU B 80 13.61 5.93 10.46
N ASP B 81 13.94 6.49 11.62
CA ASP B 81 14.68 5.73 12.63
C ASP B 81 13.84 4.59 13.15
N GLY B 82 12.55 4.85 13.39
CA GLY B 82 11.63 3.79 13.79
C GLY B 82 10.94 3.96 15.12
N TYR B 83 10.09 3.00 15.43
CA TYR B 83 9.18 3.13 16.57
C TYR B 83 8.46 1.82 16.78
N ARG B 84 7.79 1.72 17.93
CA ARG B 84 6.97 0.55 18.24
C ARG B 84 5.56 0.99 18.51
N LEU B 85 4.61 0.13 18.16
CA LEU B 85 3.21 0.29 18.57
C LEU B 85 2.88 -0.88 19.48
N ILE B 86 2.31 -0.57 20.64
CA ILE B 86 2.02 -1.59 21.66
C ILE B 86 0.60 -1.42 22.20
N MET B 87 -0.13 -2.54 22.30
N MET B 87 -0.11 -2.53 22.36
CA MET B 87 -1.41 -2.60 22.99
CA MET B 87 -1.43 -2.52 22.98
C MET B 87 -1.31 -3.61 24.09
C MET B 87 -1.46 -3.62 24.04
N ASN B 88 -1.75 -3.21 25.28
CA ASN B 88 -1.71 -4.08 26.46
C ASN B 88 -3.10 -4.49 26.85
N THR B 89 -3.31 -5.79 27.11
CA THR B 89 -4.63 -6.26 27.48
C THR B 89 -4.55 -7.03 28.79
N ASN B 90 -5.40 -6.64 29.73
CA ASN B 90 -5.59 -7.33 31.01
C ASN B 90 -4.33 -7.47 31.84
N ARG B 91 -4.39 -8.26 32.90
CA ARG B 91 -3.26 -8.32 33.80
C ARG B 91 -2.03 -8.54 32.95
N HIS B 92 -1.85 -9.77 32.52
CA HIS B 92 -0.56 -10.20 31.98
C HIS B 92 0.03 -9.17 31.01
N GLY B 93 -0.84 -8.40 30.38
CA GLY B 93 -0.36 -7.32 29.49
C GLY B 93 -0.06 -6.03 30.22
N GLY B 94 -0.50 -5.92 31.47
CA GLY B 94 -0.30 -4.74 32.30
C GLY B 94 -1.21 -3.58 31.98
N GLN B 95 -2.38 -3.85 31.40
CA GLN B 95 -3.33 -2.81 31.09
C GLN B 95 -3.79 -2.12 32.37
N GLU B 96 -3.79 -0.79 32.33
CA GLU B 96 -4.21 0.03 33.47
C GLU B 96 -5.48 0.82 33.19
N VAL B 97 -5.63 1.30 31.96
CA VAL B 97 -6.79 2.07 31.54
C VAL B 97 -7.63 1.20 30.63
N TYR B 98 -8.85 0.93 31.06
CA TYR B 98 -9.72 -0.01 30.37
C TYR B 98 -10.57 0.64 29.28
N HIS B 99 -9.82 1.20 28.32
CA HIS B 99 -10.31 1.71 27.04
C HIS B 99 -9.16 1.40 26.11
N ILE B 100 -9.38 0.62 25.07
CA ILE B 100 -8.25 0.12 24.28
C ILE B 100 -7.49 1.27 23.64
N HIS B 101 -6.20 1.07 23.48
CA HIS B 101 -5.37 2.11 22.87
C HIS B 101 -4.02 1.54 22.50
N MET B 102 -3.39 2.15 21.51
CA MET B 102 -2.01 1.87 21.15
C MET B 102 -1.08 2.90 21.73
N HIS B 103 0.06 2.44 22.20
CA HIS B 103 1.17 3.32 22.58
C HIS B 103 2.06 3.41 21.36
N LEU B 104 2.26 4.63 20.88
CA LEU B 104 3.30 4.92 19.88
C LEU B 104 4.54 5.39 20.62
N LEU B 105 5.59 4.58 20.54
CA LEU B 105 6.82 4.79 21.30
C LEU B 105 7.96 4.90 20.33
N GLY B 106 8.76 5.95 20.50
CA GLY B 106 9.91 6.13 19.61
C GLY B 106 10.80 7.27 20.01
N GLY B 107 11.80 7.50 19.16
CA GLY B 107 12.75 8.61 19.34
C GLY B 107 14.09 8.16 19.88
N ARG B 108 14.22 6.88 20.19
CA ARG B 108 15.52 6.30 20.56
C ARG B 108 15.45 4.80 20.34
N PRO B 109 16.61 4.11 20.26
CA PRO B 109 16.55 2.66 20.18
C PRO B 109 15.76 2.13 21.37
N LEU B 110 14.78 1.27 21.11
CA LEU B 110 13.82 0.92 22.15
C LEU B 110 14.18 -0.33 22.95
N GLY B 111 15.26 -1.00 22.58
CA GLY B 111 15.70 -2.21 23.29
C GLY B 111 14.85 -3.42 22.98
N PRO B 112 15.01 -4.50 23.78
CA PRO B 112 14.31 -5.74 23.50
C PRO B 112 12.80 -5.57 23.48
N MET B 113 12.15 -6.27 22.54
CA MET B 113 10.71 -6.24 22.44
C MET B 113 10.05 -6.67 23.76
N LEU B 114 10.58 -7.73 24.38
CA LEU B 114 10.14 -8.20 25.69
C LEU B 114 11.33 -8.27 26.64
N ALA B 115 11.48 -7.24 27.47
CA ALA B 115 12.62 -7.12 28.38
C ALA B 115 12.66 -8.24 29.42
N HIS B 116 11.54 -8.48 30.09
CA HIS B 116 11.49 -9.41 31.21
C HIS B 116 10.83 -10.70 30.76
N LYS B 117 11.65 -11.72 30.51
CA LYS B 117 11.15 -13.04 30.12
C LYS B 117 11.07 -14.01 31.29
N GLY B 118 11.54 -13.56 32.46
CA GLY B 118 11.37 -14.31 33.71
C GLY B 118 10.48 -13.51 34.64
N LEU B 119 10.81 -13.51 35.93
CA LEU B 119 10.00 -12.79 36.93
C LEU B 119 10.04 -11.27 36.76
N MET C 1 9.09 33.54 -22.49
CA MET C 1 8.80 33.34 -21.03
C MET C 1 7.56 32.50 -20.79
N ALA C 2 6.63 32.52 -21.75
CA ALA C 2 5.31 31.91 -21.60
C ALA C 2 5.34 30.39 -21.47
N GLU C 3 6.53 29.82 -21.33
CA GLU C 3 6.73 28.38 -21.52
C GLU C 3 6.24 27.45 -20.40
N GLU C 4 6.22 27.92 -19.15
CA GLU C 4 5.55 27.15 -18.09
C GLU C 4 4.04 27.09 -18.34
N THR C 5 3.43 25.93 -18.07
CA THR C 5 2.00 25.77 -18.20
C THR C 5 1.34 25.90 -16.82
N ILE C 6 0.02 25.85 -16.81
CA ILE C 6 -0.76 25.82 -15.57
C ILE C 6 -0.37 24.67 -14.63
N PHE C 7 0.21 23.59 -15.17
CA PHE C 7 0.61 22.47 -14.33
C PHE C 7 1.70 22.88 -13.33
N SER C 8 2.56 23.84 -13.70
CA SER C 8 3.55 24.40 -12.75
C SER C 8 2.87 25.03 -11.55
N LYS C 9 1.79 25.78 -11.80
CA LYS C 9 1.01 26.36 -10.70
C LYS C 9 0.35 25.28 -9.83
N ILE C 10 -0.13 24.19 -10.43
CA ILE C 10 -0.73 23.10 -9.65
C ILE C 10 0.33 22.48 -8.73
N ILE C 11 1.49 22.15 -9.30
CA ILE C 11 2.63 21.58 -8.56
C ILE C 11 2.96 22.44 -7.32
N ARG C 12 2.91 23.75 -7.52
CA ARG C 12 3.36 24.74 -6.54
C ARG C 12 2.23 25.24 -5.65
N ARG C 13 1.06 24.64 -5.74
CA ARG C 13 -0.10 25.07 -4.94
C ARG C 13 -0.41 26.56 -5.15
N GLU C 14 -0.35 26.96 -6.41
CA GLU C 14 -0.76 28.31 -6.82
C GLU C 14 -2.08 28.37 -7.56
N ILE C 15 -2.60 27.20 -7.91
CA ILE C 15 -4.01 27.08 -8.27
C ILE C 15 -4.54 25.84 -7.57
N PRO C 16 -5.80 25.87 -7.12
CA PRO C 16 -6.38 24.71 -6.44
C PRO C 16 -6.39 23.44 -7.29
N SER C 17 -6.16 22.30 -6.64
CA SER C 17 -6.27 21.00 -7.28
C SER C 17 -6.43 19.95 -6.19
N ASP C 18 -6.74 18.72 -6.60
N ASP C 18 -6.71 18.72 -6.60
CA ASP C 18 -6.73 17.60 -5.66
CA ASP C 18 -6.74 17.60 -5.67
C ASP C 18 -5.47 16.77 -5.87
C ASP C 18 -5.47 16.78 -5.89
N ILE C 19 -4.42 17.12 -5.13
CA ILE C 19 -3.13 16.44 -5.24
C ILE C 19 -3.20 15.13 -4.47
N VAL C 20 -2.90 14.02 -5.15
CA VAL C 20 -3.00 12.71 -4.53
C VAL C 20 -1.63 12.09 -4.17
N TYR C 21 -0.57 12.63 -4.76
CA TYR C 21 0.79 12.20 -4.47
C TYR C 21 1.74 13.33 -4.81
N GLN C 22 2.76 13.55 -3.98
CA GLN C 22 3.85 14.42 -4.37
C GLN C 22 5.12 14.02 -3.67
N ASP C 23 6.20 13.94 -4.44
CA ASP C 23 7.53 13.80 -3.85
C ASP C 23 8.48 14.79 -4.52
N ASP C 24 9.79 14.58 -4.38
CA ASP C 24 10.75 15.52 -4.95
C ASP C 24 10.79 15.50 -6.47
N LEU C 25 10.26 14.43 -7.06
CA LEU C 25 10.35 14.25 -8.50
C LEU C 25 9.04 14.41 -9.28
N VAL C 26 7.94 13.95 -8.69
CA VAL C 26 6.66 13.90 -9.40
CA VAL C 26 6.66 13.78 -9.38
C VAL C 26 5.49 14.36 -8.54
N THR C 27 4.47 14.86 -9.20
CA THR C 27 3.21 15.25 -8.58
C THR C 27 2.08 14.55 -9.34
N ALA C 28 1.10 14.04 -8.62
CA ALA C 28 -0.11 13.48 -9.23
C ALA C 28 -1.33 14.19 -8.66
N PHE C 29 -2.32 14.44 -9.52
CA PHE C 29 -3.48 15.18 -9.10
C PHE C 29 -4.66 14.77 -9.97
N ARG C 30 -5.87 14.93 -9.46
CA ARG C 30 -7.03 14.50 -10.25
C ARG C 30 -7.24 15.40 -11.46
N ASP C 31 -7.65 14.80 -12.58
CA ASP C 31 -8.00 15.59 -13.76
C ASP C 31 -9.27 16.41 -13.49
N ILE C 32 -9.26 17.66 -13.91
CA ILE C 32 -10.43 18.54 -13.78
C ILE C 32 -11.65 18.08 -14.60
N SER C 33 -11.42 17.32 -15.68
CA SER C 33 -12.49 16.85 -16.55
C SER C 33 -12.36 15.33 -16.72
N PRO C 34 -12.65 14.58 -15.65
CA PRO C 34 -12.35 13.14 -15.65
C PRO C 34 -13.13 12.35 -16.71
N GLN C 35 -12.43 11.47 -17.41
CA GLN C 35 -13.02 10.65 -18.45
C GLN C 35 -13.37 9.23 -17.99
N ALA C 36 -13.02 8.91 -16.73
CA ALA C 36 -13.28 7.61 -16.14
C ALA C 36 -13.36 7.85 -14.63
N PRO C 37 -13.96 6.89 -13.88
CA PRO C 37 -14.11 7.07 -12.42
C PRO C 37 -12.80 7.46 -11.72
N THR C 38 -11.69 6.84 -12.12
CA THR C 38 -10.36 7.34 -11.79
C THR C 38 -9.77 7.99 -13.03
N HIS C 39 -9.39 9.24 -12.89
CA HIS C 39 -8.65 9.94 -13.95
C HIS C 39 -7.68 10.87 -13.26
N ILE C 40 -6.43 10.43 -13.17
CA ILE C 40 -5.40 11.15 -12.44
C ILE C 40 -4.22 11.43 -13.36
N LEU C 41 -3.68 12.63 -13.27
CA LEU C 41 -2.51 13.04 -14.07
C LEU C 41 -1.27 12.88 -13.22
N ILE C 42 -0.24 12.27 -13.77
CA ILE C 42 1.03 12.10 -13.07
C ILE C 42 2.10 12.82 -13.89
N ILE C 43 2.80 13.77 -13.27
CA ILE C 43 3.70 14.68 -14.00
C ILE C 43 5.02 14.86 -13.26
N PRO C 44 6.11 15.10 -14.00
CA PRO C 44 7.36 15.46 -13.32
C PRO C 44 7.25 16.89 -12.79
N ASN C 45 7.93 17.19 -11.69
CA ASN C 45 7.88 18.52 -11.09
C ASN C 45 8.55 19.59 -11.95
N ILE C 46 9.54 19.19 -12.73
CA ILE C 46 10.20 20.11 -13.64
C ILE C 46 9.46 20.16 -14.96
N LEU C 47 9.49 21.32 -15.62
CA LEU C 47 8.89 21.46 -16.93
C LEU C 47 9.69 20.73 -18.01
N ILE C 48 9.04 19.74 -18.62
CA ILE C 48 9.52 19.07 -19.81
C ILE C 48 8.31 19.15 -20.71
N PRO C 49 8.36 19.98 -21.77
CA PRO C 49 7.14 20.22 -22.57
C PRO C 49 6.50 18.99 -23.24
N THR C 50 7.32 18.18 -23.93
CA THR C 50 6.82 16.99 -24.61
C THR C 50 7.80 15.84 -24.40
N VAL C 51 7.32 14.64 -24.69
CA VAL C 51 8.16 13.43 -24.64
C VAL C 51 9.39 13.58 -25.55
N ASN C 52 9.28 14.39 -26.62
CA ASN C 52 10.45 14.64 -27.48
C ASN C 52 11.62 15.29 -26.76
N ASP C 53 11.34 15.91 -25.62
CA ASP C 53 12.31 16.72 -24.90
C ASP C 53 12.99 15.98 -23.75
N VAL C 54 12.66 14.71 -23.56
CA VAL C 54 13.26 13.93 -22.48
C VAL C 54 14.73 13.63 -22.77
N SER C 55 15.52 13.52 -21.70
CA SER C 55 16.91 13.12 -21.80
CA SER C 55 16.91 13.12 -21.80
C SER C 55 17.23 12.09 -20.72
N ALA C 56 18.43 11.52 -20.78
CA ALA C 56 18.88 10.53 -19.79
C ALA C 56 18.69 10.98 -18.34
N GLU C 57 18.94 12.26 -18.05
CA GLU C 57 18.81 12.79 -16.69
C GLU C 57 17.39 12.70 -16.14
N HIS C 58 16.41 12.59 -17.03
CA HIS C 58 15.00 12.55 -16.61
C HIS C 58 14.54 11.13 -16.28
N GLU C 59 15.38 10.14 -16.51
CA GLU C 59 14.90 8.75 -16.41
C GLU C 59 14.39 8.35 -15.04
N GLN C 60 15.02 8.82 -13.96
CA GLN C 60 14.54 8.47 -12.62
C GLN C 60 13.13 9.04 -12.44
N ALA C 61 12.93 10.30 -12.81
CA ALA C 61 11.60 10.92 -12.67
C ALA C 61 10.55 10.26 -13.54
N LEU C 62 10.92 9.91 -14.75
CA LEU C 62 10.02 9.23 -15.68
C LEU C 62 9.61 7.86 -15.12
N GLY C 63 10.57 7.12 -14.58
CA GLY C 63 10.27 5.84 -13.94
C GLY C 63 9.41 6.02 -12.70
N ARG C 64 9.69 7.08 -11.95
CA ARG C 64 8.88 7.41 -10.78
C ARG C 64 7.42 7.66 -11.15
N MET C 65 7.18 8.23 -12.33
CA MET C 65 5.79 8.41 -12.77
C MET C 65 5.03 7.08 -12.79
N ILE C 66 5.71 6.02 -13.21
CA ILE C 66 5.09 4.71 -13.35
C ILE C 66 4.94 3.98 -12.00
N THR C 67 5.95 4.03 -11.14
CA THR C 67 5.84 3.47 -9.79
CA THR C 67 5.80 3.46 -9.80
C THR C 67 4.76 4.22 -8.98
N VAL C 68 4.66 5.53 -9.20
CA VAL C 68 3.60 6.32 -8.55
C VAL C 68 2.23 5.89 -9.07
N ALA C 69 2.13 5.69 -10.38
CA ALA C 69 0.87 5.20 -10.96
C ALA C 69 0.42 3.90 -10.32
N ALA C 70 1.37 2.97 -10.11
CA ALA C 70 1.05 1.71 -9.46
C ALA C 70 0.54 1.94 -8.03
N LYS C 71 1.19 2.83 -7.29
N LYS C 71 1.19 2.83 -7.30
CA LYS C 71 0.73 3.12 -5.93
CA LYS C 71 0.78 3.15 -5.93
C LYS C 71 -0.67 3.69 -5.97
C LYS C 71 -0.62 3.78 -5.89
N ILE C 72 -0.89 4.69 -6.82
CA ILE C 72 -2.19 5.37 -6.89
C ILE C 72 -3.29 4.40 -7.34
N ALA C 73 -2.97 3.50 -8.26
CA ALA C 73 -3.94 2.49 -8.67
C ALA C 73 -4.40 1.64 -7.48
N GLU C 74 -3.47 1.27 -6.60
CA GLU C 74 -3.86 0.52 -5.38
C GLU C 74 -4.77 1.38 -4.50
N GLN C 75 -4.36 2.62 -4.26
CA GLN C 75 -5.16 3.51 -3.42
C GLN C 75 -6.56 3.78 -3.96
N GLU C 76 -6.69 3.81 -5.28
CA GLU C 76 -7.98 4.02 -5.92
C GLU C 76 -8.88 2.77 -5.96
N GLY C 77 -8.33 1.60 -5.59
CA GLY C 77 -9.03 0.33 -5.69
C GLY C 77 -9.21 -0.21 -7.10
N ILE C 78 -8.37 0.25 -8.04
CA ILE C 78 -8.50 -0.17 -9.43
C ILE C 78 -7.40 -1.15 -9.87
N ALA C 79 -6.49 -1.47 -8.97
CA ALA C 79 -5.30 -2.26 -9.33
C ALA C 79 -5.64 -3.66 -9.83
N GLU C 80 -6.56 -4.33 -9.17
CA GLU C 80 -6.94 -5.68 -9.57
C GLU C 80 -7.76 -5.71 -10.85
N ASP C 81 -8.79 -4.87 -10.93
CA ASP C 81 -9.65 -4.85 -12.12
C ASP C 81 -8.88 -4.35 -13.33
N GLY C 82 -8.03 -3.35 -13.13
CA GLY C 82 -7.16 -2.84 -14.20
C GLY C 82 -7.31 -1.36 -14.52
N TYR C 83 -6.46 -0.90 -15.42
CA TYR C 83 -6.32 0.50 -15.71
C TYR C 83 -5.41 0.71 -16.91
N ARG C 84 -5.41 1.92 -17.45
CA ARG C 84 -4.59 2.25 -18.60
C ARG C 84 -3.79 3.50 -18.27
N LEU C 85 -2.56 3.56 -18.78
CA LEU C 85 -1.69 4.72 -18.64
C LEU C 85 -1.45 5.25 -20.03
N ILE C 86 -1.65 6.55 -20.22
CA ILE C 86 -1.58 7.15 -21.55
C ILE C 86 -0.79 8.44 -21.50
N MET C 87 0.13 8.62 -22.46
CA MET C 87 0.80 9.89 -22.64
C MET C 87 0.57 10.33 -24.09
N ASN C 88 0.13 11.57 -24.26
CA ASN C 88 -0.19 12.14 -25.57
C ASN C 88 0.88 13.15 -25.96
N THR C 89 1.38 13.06 -27.19
CA THR C 89 2.44 13.95 -27.64
C THR C 89 2.07 14.62 -28.96
N ASN C 90 2.10 15.95 -28.94
CA ASN C 90 1.90 16.78 -30.13
C ASN C 90 0.53 16.57 -30.80
N ARG C 91 0.37 17.06 -32.04
CA ARG C 91 -0.96 17.11 -32.65
C ARG C 91 -1.61 15.74 -32.87
N HIS C 92 -0.86 14.79 -33.41
CA HIS C 92 -1.41 13.47 -33.74
C HIS C 92 -1.78 12.71 -32.47
N GLY C 93 -1.07 13.01 -31.37
CA GLY C 93 -1.40 12.42 -30.07
C GLY C 93 -2.48 13.18 -29.30
N GLY C 94 -2.77 14.40 -29.72
CA GLY C 94 -3.82 15.20 -29.10
C GLY C 94 -3.39 15.93 -27.84
N GLN C 95 -2.10 16.16 -27.69
CA GLN C 95 -1.60 16.87 -26.51
C GLN C 95 -2.14 18.31 -26.49
N GLU C 96 -2.65 18.72 -25.34
CA GLU C 96 -3.19 20.06 -25.14
C GLU C 96 -2.35 20.87 -24.15
N VAL C 97 -1.86 20.21 -23.09
CA VAL C 97 -1.04 20.89 -22.10
C VAL C 97 0.39 20.48 -22.32
N TYR C 98 1.24 21.45 -22.57
CA TYR C 98 2.60 21.16 -22.96
C TYR C 98 3.55 21.12 -21.78
N HIS C 99 3.24 20.20 -20.89
CA HIS C 99 4.07 19.77 -19.78
C HIS C 99 3.80 18.29 -19.76
N ILE C 100 4.84 17.47 -19.94
CA ILE C 100 4.58 16.02 -20.09
C ILE C 100 3.77 15.45 -18.93
N HIS C 101 2.87 14.54 -19.25
CA HIS C 101 2.03 13.93 -18.22
C HIS C 101 1.48 12.59 -18.64
N MET C 102 1.23 11.75 -17.65
N MET C 102 1.32 11.71 -17.66
CA MET C 102 0.65 10.45 -17.89
CA MET C 102 0.60 10.46 -17.87
C MET C 102 -0.76 10.40 -17.28
C MET C 102 -0.80 10.59 -17.34
N HIS C 103 -1.75 10.03 -18.09
CA HIS C 103 -3.12 9.87 -17.62
C HIS C 103 -3.21 8.48 -17.04
N LEU C 104 -3.61 8.37 -15.79
CA LEU C 104 -4.01 7.10 -15.19
C LEU C 104 -5.54 7.02 -15.19
N LEU C 105 -6.08 6.02 -15.89
CA LEU C 105 -7.50 5.89 -16.14
C LEU C 105 -7.98 4.51 -15.69
N GLY C 106 -9.10 4.47 -14.98
CA GLY C 106 -9.62 3.19 -14.50
C GLY C 106 -10.97 3.33 -13.84
N GLY C 107 -11.46 2.22 -13.30
CA GLY C 107 -12.75 2.21 -12.61
C GLY C 107 -13.88 1.60 -13.40
N ARG C 108 -13.63 1.27 -14.67
CA ARG C 108 -14.61 0.62 -15.54
C ARG C 108 -13.83 0.01 -16.71
N PRO C 109 -14.44 -0.94 -17.46
CA PRO C 109 -13.77 -1.42 -18.66
C PRO C 109 -13.54 -0.27 -19.63
N LEU C 110 -12.30 -0.12 -20.09
CA LEU C 110 -11.95 1.09 -20.85
C LEU C 110 -12.10 0.99 -22.36
N GLY C 111 -12.46 -0.20 -22.83
CA GLY C 111 -12.71 -0.41 -24.27
C GLY C 111 -11.43 -0.49 -25.08
N PRO C 112 -11.54 -0.41 -26.41
CA PRO C 112 -10.37 -0.53 -27.28
C PRO C 112 -9.35 0.55 -27.07
N MET C 113 -8.09 0.20 -27.26
CA MET C 113 -6.98 1.09 -27.04
C MET C 113 -7.05 2.32 -27.96
N LEU C 114 -7.50 2.08 -29.18
CA LEU C 114 -7.62 3.15 -30.19
C LEU C 114 -8.99 3.11 -30.86
N ALA C 115 -9.40 4.25 -31.41
CA ALA C 115 -10.68 4.34 -32.09
C ALA C 115 -11.61 3.19 -31.70
N ALA D 2 6.17 -15.47 -11.34
CA ALA D 2 5.33 -15.51 -12.57
C ALA D 2 6.04 -16.24 -13.73
N GLU D 3 5.24 -16.65 -14.71
CA GLU D 3 5.73 -17.38 -15.89
C GLU D 3 6.20 -16.39 -16.95
N GLU D 4 7.17 -16.83 -17.76
CA GLU D 4 7.63 -16.06 -18.90
C GLU D 4 6.61 -16.05 -20.01
N THR D 5 6.52 -14.91 -20.70
CA THR D 5 5.72 -14.80 -21.89
C THR D 5 6.62 -14.95 -23.10
N ILE D 6 6.02 -15.03 -24.29
CA ILE D 6 6.77 -15.04 -25.55
C ILE D 6 7.76 -13.88 -25.66
N PHE D 7 7.46 -12.78 -24.98
CA PHE D 7 8.34 -11.60 -25.03
C PHE D 7 9.75 -11.90 -24.51
N SER D 8 9.87 -12.81 -23.56
CA SER D 8 11.17 -13.23 -23.03
C SER D 8 12.03 -13.82 -24.16
N LYS D 9 11.39 -14.65 -24.99
CA LYS D 9 12.07 -15.29 -26.11
C LYS D 9 12.47 -14.28 -27.19
N ILE D 10 11.67 -13.21 -27.34
CA ILE D 10 11.98 -12.14 -28.29
C ILE D 10 13.19 -11.37 -27.80
N ILE D 11 13.19 -11.00 -26.53
CA ILE D 11 14.31 -10.26 -25.92
C ILE D 11 15.64 -11.02 -26.08
N ARG D 12 15.59 -12.33 -25.81
N ARG D 12 15.61 -12.32 -25.81
CA ARG D 12 16.79 -13.17 -25.79
CA ARG D 12 16.82 -13.14 -25.80
C ARG D 12 17.10 -13.74 -27.18
C ARG D 12 17.25 -13.55 -27.21
N ARG D 13 16.44 -13.19 -28.20
CA ARG D 13 16.65 -13.56 -29.60
C ARG D 13 16.61 -15.09 -29.80
N GLU D 14 15.69 -15.74 -29.11
CA GLU D 14 15.53 -17.20 -29.14
C GLU D 14 14.49 -17.60 -30.18
N ILE D 15 13.57 -16.67 -30.45
CA ILE D 15 12.65 -16.74 -31.58
CA ILE D 15 12.65 -16.74 -31.58
C ILE D 15 12.69 -15.41 -32.33
N PRO D 16 12.51 -15.45 -33.66
N PRO D 16 12.66 -15.45 -33.68
CA PRO D 16 12.47 -14.27 -34.53
CA PRO D 16 12.60 -14.22 -34.46
C PRO D 16 11.49 -13.18 -34.09
C PRO D 16 11.54 -13.19 -34.05
N SER D 17 11.90 -11.92 -34.25
CA SER D 17 11.01 -10.77 -34.10
C SER D 17 11.73 -9.58 -34.75
N ASP D 18 11.00 -8.50 -35.00
CA ASP D 18 11.58 -7.33 -35.67
C ASP D 18 12.00 -6.35 -34.61
N ILE D 19 13.18 -6.60 -34.04
CA ILE D 19 13.70 -5.73 -33.01
C ILE D 19 14.22 -4.46 -33.65
N VAL D 20 13.68 -3.35 -33.17
CA VAL D 20 14.09 -2.03 -33.64
C VAL D 20 15.09 -1.38 -32.71
N TYR D 21 15.15 -1.84 -31.46
CA TYR D 21 16.07 -1.26 -30.50
C TYR D 21 16.33 -2.26 -29.38
N GLN D 22 17.56 -2.32 -28.91
CA GLN D 22 17.85 -3.07 -27.68
C GLN D 22 19.06 -2.50 -27.00
N ASP D 23 18.94 -2.27 -25.68
CA ASP D 23 20.08 -1.91 -24.84
C ASP D 23 20.08 -2.79 -23.57
N ASP D 24 20.80 -2.35 -22.53
CA ASP D 24 20.93 -3.14 -21.30
C ASP D 24 19.58 -3.32 -20.61
N LEU D 25 18.69 -2.35 -20.80
CA LEU D 25 17.44 -2.29 -20.01
C LEU D 25 16.15 -2.59 -20.76
N VAL D 26 16.09 -2.23 -22.03
CA VAL D 26 14.84 -2.33 -22.78
C VAL D 26 15.01 -2.90 -24.17
N THR D 27 13.92 -3.46 -24.70
CA THR D 27 13.86 -3.98 -26.07
C THR D 27 12.61 -3.44 -26.71
N ALA D 28 12.72 -3.01 -27.97
CA ALA D 28 11.56 -2.55 -28.73
C ALA D 28 11.46 -3.31 -30.04
N PHE D 29 10.23 -3.68 -30.39
CA PHE D 29 9.93 -4.45 -31.59
C PHE D 29 8.55 -4.11 -32.13
N ARG D 30 8.34 -4.31 -33.43
N ARG D 30 8.35 -4.29 -33.43
CA ARG D 30 7.08 -3.97 -34.06
CA ARG D 30 7.08 -3.98 -34.05
C ARG D 30 5.98 -4.92 -33.62
C ARG D 30 5.98 -4.92 -33.57
N ASP D 31 4.79 -4.37 -33.39
CA ASP D 31 3.64 -5.18 -32.99
C ASP D 31 3.25 -6.11 -34.15
N ILE D 32 2.84 -7.33 -33.81
CA ILE D 32 2.48 -8.35 -34.81
C ILE D 32 1.16 -7.99 -35.52
N SER D 33 0.36 -7.14 -34.88
CA SER D 33 -0.93 -6.71 -35.43
CA SER D 33 -0.93 -6.70 -35.43
C SER D 33 -1.02 -5.19 -35.32
N PRO D 34 -0.28 -4.45 -36.17
CA PRO D 34 -0.18 -2.99 -35.98
C PRO D 34 -1.52 -2.27 -36.10
N GLN D 35 -1.74 -1.30 -35.22
CA GLN D 35 -3.00 -0.55 -35.18
C GLN D 35 -2.81 0.88 -35.66
N ALA D 36 -1.58 1.22 -36.01
CA ALA D 36 -1.22 2.52 -36.56
C ALA D 36 0.01 2.34 -37.45
N PRO D 37 0.30 3.32 -38.33
CA PRO D 37 1.46 3.24 -39.24
C PRO D 37 2.75 2.93 -38.51
N THR D 38 2.98 3.58 -37.37
CA THR D 38 3.99 3.15 -36.40
C THR D 38 3.27 2.49 -35.23
N HIS D 39 3.61 1.24 -34.95
CA HIS D 39 3.09 0.55 -33.77
C HIS D 39 4.19 -0.35 -33.24
N ILE D 40 4.90 0.16 -32.23
CA ILE D 40 6.07 -0.51 -31.69
C ILE D 40 5.87 -0.74 -30.19
N LEU D 41 6.21 -1.94 -29.72
CA LEU D 41 6.18 -2.28 -28.29
C LEU D 41 7.54 -2.05 -27.67
N ILE D 42 7.55 -1.41 -26.51
CA ILE D 42 8.76 -1.10 -25.78
C ILE D 42 8.65 -1.75 -24.42
N ILE D 43 9.59 -2.64 -24.10
CA ILE D 43 9.43 -3.53 -22.96
C ILE D 43 10.73 -3.58 -22.17
N PRO D 44 10.66 -3.77 -20.84
CA PRO D 44 11.88 -3.96 -20.08
C PRO D 44 12.42 -5.38 -20.31
N ASN D 45 13.73 -5.54 -20.20
CA ASN D 45 14.35 -6.84 -20.46
C ASN D 45 14.09 -7.83 -19.32
N ILE D 46 13.79 -7.31 -18.13
CA ILE D 46 13.41 -8.10 -16.97
C ILE D 46 11.91 -8.32 -17.01
N LEU D 47 11.49 -9.54 -16.67
CA LEU D 47 10.06 -9.87 -16.57
C LEU D 47 9.42 -9.17 -15.38
N ILE D 48 8.50 -8.25 -15.67
CA ILE D 48 7.60 -7.64 -14.67
C ILE D 48 6.20 -7.89 -15.24
N PRO D 49 5.39 -8.76 -14.60
CA PRO D 49 4.14 -9.16 -15.28
C PRO D 49 3.12 -8.05 -15.54
N THR D 50 2.90 -7.20 -14.54
CA THR D 50 1.97 -6.09 -14.67
C THR D 50 2.54 -4.84 -14.03
N VAL D 51 1.92 -3.70 -14.33
CA VAL D 51 2.36 -2.46 -13.73
C VAL D 51 2.26 -2.50 -12.19
N ASN D 52 1.35 -3.31 -11.67
CA ASN D 52 1.22 -3.50 -10.22
C ASN D 52 2.48 -4.05 -9.57
N ASP D 53 3.34 -4.70 -10.37
CA ASP D 53 4.53 -5.40 -9.88
C ASP D 53 5.81 -4.58 -9.93
N VAL D 54 5.72 -3.31 -10.33
CA VAL D 54 6.91 -2.47 -10.40
C VAL D 54 7.35 -2.05 -9.00
N SER D 55 8.64 -1.77 -8.88
CA SER D 55 9.21 -1.26 -7.63
C SER D 55 10.38 -0.32 -7.94
N ALA D 56 10.92 0.30 -6.89
CA ALA D 56 11.98 1.27 -7.03
C ALA D 56 13.12 0.82 -7.92
N GLU D 57 13.54 -0.44 -7.80
CA GLU D 57 14.71 -0.92 -8.57
C GLU D 57 14.45 -0.94 -10.08
N HIS D 58 13.18 -0.89 -10.47
CA HIS D 58 12.82 -0.84 -11.90
C HIS D 58 12.74 0.56 -12.49
N GLU D 59 12.89 1.60 -11.67
CA GLU D 59 12.67 2.96 -12.16
C GLU D 59 13.56 3.38 -13.33
N GLN D 60 14.82 2.97 -13.33
N GLN D 60 14.82 2.95 -13.29
CA GLN D 60 15.69 3.35 -14.46
CA GLN D 60 15.73 3.24 -14.38
C GLN D 60 15.25 2.68 -15.78
C GLN D 60 15.20 2.70 -15.71
N ALA D 61 14.82 1.42 -15.72
CA ALA D 61 14.34 0.73 -16.92
C ALA D 61 13.01 1.32 -17.38
N LEU D 62 12.16 1.70 -16.43
CA LEU D 62 10.87 2.30 -16.74
C LEU D 62 11.05 3.65 -17.41
N GLY D 63 11.97 4.46 -16.90
CA GLY D 63 12.30 5.73 -17.53
C GLY D 63 12.93 5.56 -18.88
N ARG D 64 13.77 4.54 -19.02
CA ARG D 64 14.39 4.19 -20.30
C ARG D 64 13.32 3.83 -21.31
N MET D 65 12.23 3.24 -20.88
CA MET D 65 11.15 2.93 -21.84
C MET D 65 10.70 4.20 -22.55
N ILE D 66 10.60 5.30 -21.80
CA ILE D 66 10.13 6.59 -22.32
C ILE D 66 11.19 7.30 -23.17
N THR D 67 12.43 7.34 -22.72
CA THR D 67 13.48 7.97 -23.54
C THR D 67 13.72 7.17 -24.83
N VAL D 68 13.58 5.85 -24.78
CA VAL D 68 13.65 5.03 -26.00
C VAL D 68 12.45 5.30 -26.91
N ALA D 69 11.25 5.45 -26.35
CA ALA D 69 10.11 5.87 -27.16
C ALA D 69 10.41 7.17 -27.93
N ALA D 70 10.99 8.16 -27.27
CA ALA D 70 11.30 9.43 -27.93
C ALA D 70 12.31 9.23 -29.05
N LYS D 71 13.32 8.39 -28.82
CA LYS D 71 14.34 8.11 -29.83
C LYS D 71 13.73 7.42 -31.04
N ILE D 72 12.89 6.41 -30.79
CA ILE D 72 12.22 5.69 -31.87
C ILE D 72 11.23 6.57 -32.63
N ALA D 73 10.45 7.38 -31.92
CA ALA D 73 9.53 8.30 -32.57
C ALA D 73 10.30 9.18 -33.56
N GLU D 74 11.47 9.67 -33.15
CA GLU D 74 12.30 10.49 -34.04
C GLU D 74 12.77 9.70 -35.26
N GLN D 75 13.27 8.49 -35.05
CA GLN D 75 13.73 7.63 -36.15
C GLN D 75 12.61 7.26 -37.13
N GLU D 76 11.40 7.06 -36.61
CA GLU D 76 10.21 6.74 -37.41
C GLU D 76 9.65 7.95 -38.15
N GLY D 77 10.21 9.13 -37.89
CA GLY D 77 9.73 10.38 -38.48
C GLY D 77 8.36 10.83 -38.00
N ILE D 78 7.94 10.36 -36.82
CA ILE D 78 6.64 10.73 -36.25
C ILE D 78 6.74 11.72 -35.08
N ALA D 79 7.95 12.17 -34.76
CA ALA D 79 8.17 12.97 -33.55
C ALA D 79 7.49 14.33 -33.60
N GLU D 80 7.57 15.02 -34.74
CA GLU D 80 6.96 16.34 -34.85
C GLU D 80 5.43 16.28 -34.95
N ASP D 81 4.92 15.37 -35.78
CA ASP D 81 3.46 15.21 -35.93
C ASP D 81 2.82 14.78 -34.62
N GLY D 82 3.47 13.82 -33.96
CA GLY D 82 2.99 13.35 -32.66
C GLY D 82 2.70 11.87 -32.59
N TYR D 83 2.42 11.41 -31.37
CA TYR D 83 2.26 10.00 -31.11
C TYR D 83 1.68 9.81 -29.72
N ARG D 84 1.27 8.59 -29.43
CA ARG D 84 0.68 8.23 -28.14
C ARG D 84 1.44 7.03 -27.57
N LEU D 85 1.62 7.05 -26.25
CA LEU D 85 2.20 5.94 -25.50
C LEU D 85 1.12 5.37 -24.60
N ILE D 86 0.92 4.04 -24.62
CA ILE D 86 -0.14 3.40 -23.85
C ILE D 86 0.35 2.13 -23.16
N MET D 87 0.02 1.99 -21.90
CA MET D 87 0.31 0.76 -21.17
CA MET D 87 0.29 0.75 -21.20
C MET D 87 -1.00 0.24 -20.58
N ASN D 88 -1.34 -1.01 -20.90
CA ASN D 88 -2.59 -1.62 -20.45
C ASN D 88 -2.33 -2.58 -19.32
N THR D 89 -3.14 -2.48 -18.26
CA THR D 89 -3.01 -3.36 -17.10
C THR D 89 -4.32 -4.07 -16.76
N ASN D 90 -4.21 -5.40 -16.66
CA ASN D 90 -5.29 -6.31 -16.27
C ASN D 90 -6.54 -6.16 -17.13
N ARG D 91 -7.70 -6.61 -16.61
CA ARG D 91 -8.94 -6.82 -17.39
C ARG D 91 -9.83 -5.62 -17.77
N HIS D 92 -9.60 -4.48 -17.14
CA HIS D 92 -10.17 -3.19 -17.55
C HIS D 92 -9.29 -2.43 -18.51
N GLY D 93 -7.96 -2.67 -18.44
CA GLY D 93 -7.02 -2.08 -19.41
C GLY D 93 -6.90 -2.86 -20.70
N GLY D 94 -7.34 -4.12 -20.68
CA GLY D 94 -7.25 -4.98 -21.85
C GLY D 94 -5.90 -5.67 -22.04
N GLN D 95 -5.15 -5.85 -20.95
CA GLN D 95 -3.84 -6.49 -21.05
C GLN D 95 -3.97 -7.94 -21.50
N GLU D 96 -3.20 -8.32 -22.52
CA GLU D 96 -3.25 -9.69 -23.04
C GLU D 96 -1.94 -10.44 -22.77
N VAL D 97 -0.82 -9.72 -22.81
CA VAL D 97 0.50 -10.34 -22.58
C VAL D 97 1.05 -9.87 -21.23
N TYR D 98 1.31 -10.81 -20.33
CA TYR D 98 1.69 -10.49 -18.94
C TYR D 98 3.19 -10.31 -18.70
N HIS D 99 3.69 -9.33 -19.44
CA HIS D 99 5.03 -8.77 -19.32
C HIS D 99 4.79 -7.31 -19.70
N ILE D 100 5.13 -6.37 -18.83
CA ILE D 100 4.70 -4.99 -19.07
C ILE D 100 5.29 -4.46 -20.35
N HIS D 101 4.52 -3.64 -21.06
CA HIS D 101 4.98 -3.07 -22.31
C HIS D 101 4.22 -1.81 -22.63
N MET D 102 4.92 -0.87 -23.25
CA MET D 102 4.34 0.37 -23.70
C MET D 102 4.11 0.28 -25.21
N HIS D 103 2.92 0.65 -25.67
CA HIS D 103 2.66 0.79 -27.11
C HIS D 103 3.07 2.18 -27.56
N LEU D 104 3.96 2.26 -28.53
CA LEU D 104 4.23 3.53 -29.21
C LEU D 104 3.45 3.54 -30.52
N LEU D 105 2.55 4.51 -30.65
CA LEU D 105 1.57 4.55 -31.73
C LEU D 105 1.65 5.90 -32.41
N GLY D 106 1.69 5.91 -33.74
CA GLY D 106 1.75 7.19 -34.43
C GLY D 106 1.69 7.01 -35.92
N GLY D 107 1.88 8.09 -36.66
CA GLY D 107 1.90 8.02 -38.13
C GLY D 107 0.70 8.72 -38.73
N ARG D 108 -0.34 8.90 -37.92
CA ARG D 108 -1.59 9.51 -38.38
C ARG D 108 -2.28 10.14 -37.16
N PRO D 109 -3.26 11.05 -37.38
CA PRO D 109 -4.05 11.55 -36.25
C PRO D 109 -4.71 10.36 -35.54
N LEU D 110 -4.45 10.22 -34.24
N LEU D 110 -4.47 10.23 -34.23
CA LEU D 110 -4.85 9.01 -33.51
CA LEU D 110 -4.84 9.01 -33.53
C LEU D 110 -6.29 8.96 -33.00
C LEU D 110 -6.25 8.98 -32.94
N GLY D 111 -6.98 10.09 -33.07
CA GLY D 111 -8.34 10.18 -32.53
C GLY D 111 -8.32 10.33 -31.02
N PRO D 112 -9.49 10.14 -30.39
CA PRO D 112 -9.67 10.42 -28.97
C PRO D 112 -8.83 9.50 -28.11
N MET D 113 -8.37 10.04 -26.99
CA MET D 113 -7.60 9.27 -26.02
C MET D 113 -8.32 7.98 -25.58
N LEU D 114 -9.64 8.06 -25.32
CA LEU D 114 -10.43 6.88 -24.99
C LEU D 114 -11.51 6.47 -26.02
N ALA D 115 -12.14 7.42 -26.67
CA ALA D 115 -13.25 7.05 -27.58
C ALA D 115 -14.52 6.44 -26.91
N HIS D 116 -14.49 6.25 -25.59
CA HIS D 116 -15.69 6.55 -24.83
C HIS D 116 -15.33 7.05 -23.46
N LYS D 117 -15.92 8.18 -23.08
CA LYS D 117 -15.76 8.78 -21.76
C LYS D 117 -17.00 8.54 -20.93
N GLY D 118 -16.84 8.30 -19.63
CA GLY D 118 -17.99 8.11 -18.76
C GLY D 118 -17.55 7.89 -17.35
N LEU D 119 -18.40 8.26 -16.39
N LEU D 119 -18.40 8.29 -16.41
CA LEU D 119 -18.08 8.08 -14.97
CA LEU D 119 -18.12 8.12 -14.99
C LEU D 119 -18.90 6.95 -14.35
C LEU D 119 -18.91 6.94 -14.41
N ALA E 2 35.75 -40.14 38.99
CA ALA E 2 36.74 -39.99 37.88
C ALA E 2 36.77 -41.18 36.94
N GLU E 3 35.62 -41.84 36.79
CA GLU E 3 35.44 -42.84 35.74
C GLU E 3 35.68 -42.18 34.38
N GLU E 4 36.53 -42.80 33.59
CA GLU E 4 36.70 -42.35 32.22
C GLU E 4 35.45 -42.60 31.43
N THR E 5 35.23 -41.67 30.52
CA THR E 5 34.11 -41.60 29.67
C THR E 5 34.65 -41.98 28.29
N ILE E 6 33.77 -42.28 27.32
CA ILE E 6 34.22 -42.52 25.94
C ILE E 6 34.98 -41.33 25.36
N PHE E 7 34.73 -40.12 25.86
CA PHE E 7 35.45 -38.96 25.36
C PHE E 7 36.95 -39.13 25.54
N SER E 8 37.38 -39.85 26.58
CA SER E 8 38.83 -40.08 26.79
C SER E 8 39.45 -40.84 25.62
N LYS E 9 38.74 -41.85 25.12
CA LYS E 9 39.25 -42.67 24.02
C LYS E 9 39.27 -41.86 22.72
N ILE E 10 38.33 -40.93 22.57
CA ILE E 10 38.29 -40.06 21.41
C ILE E 10 39.47 -39.08 21.45
N ILE E 11 39.64 -38.40 22.58
CA ILE E 11 40.74 -37.44 22.76
C ILE E 11 42.09 -38.09 22.47
N ARG E 12 42.33 -39.29 22.98
CA ARG E 12 43.62 -39.98 22.88
CA ARG E 12 43.65 -39.91 22.84
C ARG E 12 43.78 -40.76 21.58
N ARG E 13 42.78 -40.63 20.69
CA ARG E 13 42.76 -41.29 19.37
C ARG E 13 42.91 -42.81 19.49
N GLU E 14 42.26 -43.37 20.51
CA GLU E 14 42.27 -44.83 20.76
C GLU E 14 41.15 -45.56 20.02
N ILE E 15 40.14 -44.80 19.59
CA ILE E 15 39.06 -45.31 18.75
C ILE E 15 38.90 -44.34 17.58
N PRO E 16 38.30 -44.79 16.45
CA PRO E 16 38.15 -43.89 15.29
C PRO E 16 37.32 -42.65 15.61
N SER E 17 37.65 -41.54 14.95
CA SER E 17 36.94 -40.28 15.17
C SER E 17 37.18 -39.33 14.00
N ASP E 18 36.41 -38.25 13.98
CA ASP E 18 36.70 -37.11 13.11
C ASP E 18 36.80 -35.88 14.00
N ILE E 19 37.99 -35.64 14.53
CA ILE E 19 38.21 -34.53 15.46
C ILE E 19 38.30 -33.24 14.64
N VAL E 20 37.45 -32.27 14.95
CA VAL E 20 37.43 -31.02 14.17
C VAL E 20 38.43 -29.97 14.66
N TYR E 21 38.87 -30.08 15.92
CA TYR E 21 39.90 -29.19 16.45
C TYR E 21 40.57 -29.92 17.59
N GLN E 22 41.89 -29.87 17.69
CA GLN E 22 42.56 -30.36 18.90
C GLN E 22 43.83 -29.57 19.13
N ASP E 23 44.03 -29.14 20.37
CA ASP E 23 45.29 -28.53 20.75
C ASP E 23 45.75 -29.08 22.10
N ASP E 24 46.68 -28.42 22.76
CA ASP E 24 47.17 -28.94 24.04
C ASP E 24 46.08 -29.09 25.09
N LEU E 25 45.03 -28.28 24.98
CA LEU E 25 44.05 -28.14 26.06
C LEU E 25 42.65 -28.66 25.77
N VAL E 26 42.21 -28.58 24.50
CA VAL E 26 40.84 -28.93 24.17
C VAL E 26 40.74 -29.75 22.89
N THR E 27 39.65 -30.51 22.80
CA THR E 27 39.28 -31.31 21.65
C THR E 27 37.83 -31.01 21.29
N ALA E 28 37.52 -30.94 19.99
CA ALA E 28 36.15 -30.71 19.54
C ALA E 28 35.72 -31.71 18.48
N PHE E 29 34.47 -32.14 18.50
CA PHE E 29 33.96 -33.06 17.46
C PHE E 29 32.44 -32.95 17.42
N ARG E 30 31.83 -33.44 16.34
CA ARG E 30 30.38 -33.37 16.17
C ARG E 30 29.65 -34.33 17.10
N ASP E 31 28.47 -33.92 17.55
CA ASP E 31 27.62 -34.75 18.40
C ASP E 31 27.04 -35.92 17.61
N ILE E 32 26.93 -37.09 18.28
CA ILE E 32 26.32 -38.29 17.67
C ILE E 32 24.82 -38.15 17.37
N SER E 33 24.16 -37.27 18.12
CA SER E 33 22.73 -37.01 17.98
CA SER E 33 22.74 -37.02 18.00
C SER E 33 22.50 -35.50 17.90
N PRO E 34 22.84 -34.90 16.74
CA PRO E 34 22.81 -33.43 16.64
C PRO E 34 21.43 -32.84 16.80
N GLN E 35 21.35 -31.74 17.56
CA GLN E 35 20.08 -31.07 17.82
C GLN E 35 19.91 -29.78 17.04
N ALA E 36 20.92 -29.43 16.25
CA ALA E 36 20.89 -28.26 15.39
C ALA E 36 21.83 -28.52 14.23
N PRO E 37 21.70 -27.75 13.12
CA PRO E 37 22.58 -27.98 11.98
C PRO E 37 24.08 -27.95 12.32
N THR E 38 24.47 -27.08 13.25
CA THR E 38 25.77 -27.14 13.89
C THR E 38 25.52 -27.63 15.31
N HIS E 39 26.14 -28.76 15.64
CA HIS E 39 26.11 -29.26 17.00
C HIS E 39 27.44 -29.93 17.28
N ILE E 40 28.32 -29.15 17.91
CA ILE E 40 29.70 -29.56 18.13
C ILE E 40 30.03 -29.46 19.61
N LEU E 41 30.72 -30.48 20.11
CA LEU E 41 31.13 -30.54 21.50
C LEU E 41 32.56 -30.08 21.62
N ILE E 42 32.83 -29.22 22.60
CA ILE E 42 34.18 -28.72 22.89
C ILE E 42 34.51 -29.18 24.32
N ILE E 43 35.57 -29.96 24.45
CA ILE E 43 35.87 -30.66 25.68
C ILE E 43 37.33 -30.44 26.11
N PRO E 44 37.59 -30.27 27.42
CA PRO E 44 38.98 -30.21 27.86
C PRO E 44 39.64 -31.59 27.75
N ASN E 45 40.93 -31.61 27.44
CA ASN E 45 41.64 -32.88 27.27
C ASN E 45 41.77 -33.64 28.57
N ILE E 46 41.83 -32.93 29.70
CA ILE E 46 41.89 -33.53 31.03
C ILE E 46 40.46 -33.86 31.47
N LEU E 47 40.28 -35.05 32.05
CA LEU E 47 38.98 -35.45 32.54
C LEU E 47 38.64 -34.65 33.80
N ILE E 48 37.57 -33.87 33.69
CA ILE E 48 36.96 -33.14 34.80
C ILE E 48 35.49 -33.57 34.69
N PRO E 49 35.00 -34.39 35.65
CA PRO E 49 33.66 -34.99 35.50
CA PRO E 49 33.68 -34.99 35.43
C PRO E 49 32.48 -34.02 35.41
N THR E 50 32.48 -33.01 36.28
CA THR E 50 31.41 -32.01 36.29
C THR E 50 32.03 -30.62 36.48
N VAL E 51 31.23 -29.59 36.22
CA VAL E 51 31.71 -28.23 36.43
C VAL E 51 32.03 -27.98 37.92
N ASN E 52 31.41 -28.77 38.81
CA ASN E 52 31.74 -28.66 40.24
C ASN E 52 33.20 -29.00 40.57
N ASP E 53 33.86 -29.71 39.65
CA ASP E 53 35.20 -30.24 39.88
C ASP E 53 36.28 -29.36 39.28
N VAL E 54 35.91 -28.20 38.74
CA VAL E 54 36.94 -27.32 38.19
C VAL E 54 37.69 -26.61 39.30
N SER E 55 38.91 -26.21 38.99
CA SER E 55 39.69 -25.35 39.88
C SER E 55 40.61 -24.44 39.08
N ALA E 56 41.38 -23.62 39.78
CA ALA E 56 42.19 -22.59 39.13
C ALA E 56 43.08 -23.15 38.02
N GLU E 57 43.65 -24.33 38.25
CA GLU E 57 44.56 -24.93 37.30
C GLU E 57 43.89 -25.25 35.97
N HIS E 58 42.56 -25.30 35.93
CA HIS E 58 41.84 -25.60 34.70
C HIS E 58 41.43 -24.34 33.94
N GLU E 59 41.71 -23.16 34.48
CA GLU E 59 41.20 -21.92 33.88
C GLU E 59 41.65 -21.69 32.46
N GLN E 60 42.90 -21.99 32.15
CA GLN E 60 43.42 -21.84 30.80
CA GLN E 60 43.34 -21.76 30.79
C GLN E 60 42.61 -22.68 29.82
N ALA E 61 42.40 -23.94 30.17
CA ALA E 61 41.65 -24.88 29.32
C ALA E 61 40.20 -24.46 29.18
N LEU E 62 39.61 -23.97 30.27
CA LEU E 62 38.21 -23.53 30.23
C LEU E 62 38.04 -22.30 29.33
N GLY E 63 38.98 -21.37 29.41
CA GLY E 63 38.94 -20.22 28.51
C GLY E 63 39.19 -20.62 27.06
N ARG E 64 40.12 -21.56 26.86
CA ARG E 64 40.38 -22.08 25.52
C ARG E 64 39.11 -22.69 24.93
N MET E 65 38.28 -23.33 25.74
CA MET E 65 37.05 -23.91 25.21
CA MET E 65 37.00 -23.89 25.25
C MET E 65 36.21 -22.84 24.52
N ILE E 66 36.15 -21.64 25.11
CA ILE E 66 35.34 -20.55 24.57
C ILE E 66 36.00 -19.92 23.32
N THR E 67 37.32 -19.69 23.35
CA THR E 67 37.97 -19.11 22.14
C THR E 67 37.92 -20.12 20.98
N VAL E 68 38.07 -21.41 21.28
CA VAL E 68 37.88 -22.44 20.25
C VAL E 68 36.44 -22.48 19.73
N ALA E 69 35.46 -22.36 20.63
CA ALA E 69 34.08 -22.26 20.18
C ALA E 69 33.86 -21.15 19.17
N ALA E 70 34.45 -19.98 19.44
CA ALA E 70 34.34 -18.84 18.53
C ALA E 70 34.96 -19.17 17.17
N ILE E 72 35.37 -22.21 15.85
CA ILE E 72 34.53 -23.20 15.18
C ILE E 72 33.27 -22.56 14.61
N ALA E 73 32.64 -21.65 15.33
CA ALA E 73 31.47 -20.96 14.84
C ALA E 73 31.74 -20.20 13.57
N GLU E 74 32.89 -19.57 13.49
N GLU E 74 32.81 -19.57 13.43
CA GLU E 74 33.27 -18.86 12.29
CA GLU E 74 33.19 -18.87 12.23
C GLU E 74 33.44 -19.84 11.13
C GLU E 74 33.36 -19.85 11.07
N GLN E 75 34.11 -20.93 11.35
CA GLN E 75 34.34 -21.96 10.34
C GLN E 75 33.05 -22.55 9.84
N GLU E 76 32.10 -22.72 10.74
CA GLU E 76 30.81 -23.28 10.36
C GLU E 76 29.92 -22.30 9.59
N GLY E 77 30.31 -21.04 9.55
CA GLY E 77 29.51 -19.99 8.89
C GLY E 77 28.30 -19.51 9.70
N ILE E 78 28.32 -19.74 11.00
CA ILE E 78 27.18 -19.35 11.84
C ILE E 78 27.51 -18.19 12.79
N ALA E 79 28.71 -17.64 12.71
CA ALA E 79 29.13 -16.59 13.67
C ALA E 79 28.25 -15.36 13.63
N GLU E 80 27.88 -14.91 12.43
CA GLU E 80 27.05 -13.72 12.29
C GLU E 80 25.60 -13.94 12.66
N ASP E 81 25.01 -15.04 12.20
CA ASP E 81 23.61 -15.31 12.51
C ASP E 81 23.47 -15.58 14.00
N GLY E 82 24.44 -16.31 14.55
CA GLY E 82 24.52 -16.55 15.98
C GLY E 82 24.41 -18.01 16.40
N TYR E 83 24.55 -18.21 17.71
CA TYR E 83 24.69 -19.55 18.24
C TYR E 83 24.61 -19.50 19.76
N ARG E 84 24.46 -20.67 20.35
CA ARG E 84 24.39 -20.79 21.80
C ARG E 84 25.47 -21.76 22.24
N LEU E 85 26.07 -21.48 23.40
CA LEU E 85 27.01 -22.37 24.06
C LEU E 85 26.36 -22.82 25.35
N ILE E 86 26.34 -24.12 25.59
CA ILE E 86 25.66 -24.68 26.77
C ILE E 86 26.51 -25.74 27.45
N MET E 87 26.57 -25.69 28.78
CA MET E 87 27.21 -26.74 29.58
C MET E 87 26.17 -27.21 30.58
N ASN E 88 25.94 -28.51 30.62
CA ASN E 88 24.95 -29.13 31.49
C ASN E 88 25.65 -29.82 32.64
N THR E 89 25.15 -29.62 33.85
CA THR E 89 25.75 -30.23 35.04
C THR E 89 24.71 -30.97 35.87
N ASN E 90 25.01 -32.25 36.13
CA ASN E 90 24.21 -33.11 36.99
C ASN E 90 22.75 -33.25 36.54
N ARG E 91 21.88 -33.75 37.43
CA ARG E 91 20.55 -34.16 37.01
C ARG E 91 19.70 -32.99 36.50
N HIS E 92 19.71 -31.87 37.23
CA HIS E 92 18.84 -30.76 36.89
C HIS E 92 19.27 -30.09 35.59
N GLY E 93 20.55 -30.27 35.26
CA GLY E 93 21.05 -29.80 33.99
C GLY E 93 20.93 -30.81 32.87
N GLY E 94 20.63 -32.05 33.22
CA GLY E 94 20.47 -33.12 32.24
C GLY E 94 21.79 -33.65 31.70
N GLN E 95 22.86 -33.55 32.49
CA GLN E 95 24.16 -34.11 32.08
C GLN E 95 24.09 -35.62 31.93
N GLU E 96 24.59 -36.12 30.79
CA GLU E 96 24.60 -37.55 30.49
C GLU E 96 26.02 -38.12 30.44
N VAL E 97 26.97 -37.33 29.93
CA VAL E 97 28.36 -37.75 29.83
C VAL E 97 29.16 -36.99 30.88
N TYR E 98 29.74 -37.73 31.83
CA TYR E 98 30.45 -37.13 32.96
C TYR E 98 31.92 -36.79 32.66
N HIS E 99 32.07 -35.93 31.65
CA HIS E 99 33.32 -35.30 31.30
C HIS E 99 32.83 -33.95 30.82
N ILE E 100 33.25 -32.87 31.47
CA ILE E 100 32.64 -31.57 31.14
C ILE E 100 32.85 -31.20 29.69
N HIS E 101 31.89 -30.47 29.16
CA HIS E 101 31.96 -30.06 27.76
C HIS E 101 30.94 -29.01 27.47
N MET E 102 31.23 -28.20 26.46
CA MET E 102 30.29 -27.20 25.93
CA MET E 102 30.32 -27.19 25.95
C MET E 102 29.67 -27.70 24.65
N HIS E 103 28.37 -27.50 24.52
CA HIS E 103 27.68 -27.71 23.24
C HIS E 103 27.69 -26.39 22.50
N LEU E 104 28.22 -26.40 21.26
CA LEU E 104 28.08 -25.28 20.34
C LEU E 104 26.94 -25.61 19.40
N LEU E 105 25.90 -24.80 19.44
CA LEU E 105 24.66 -25.06 18.73
C LEU E 105 24.31 -23.87 17.86
N GLY E 106 23.98 -24.12 16.58
CA GLY E 106 23.65 -23.02 15.67
C GLY E 106 23.18 -23.53 14.33
N GLY E 107 23.00 -22.60 13.40
CA GLY E 107 22.59 -22.93 12.04
C GLY E 107 21.11 -22.72 11.78
N ARG E 108 20.39 -22.28 12.81
CA ARG E 108 18.98 -21.91 12.72
C ARG E 108 18.59 -21.14 13.97
N PRO E 109 17.47 -20.40 13.94
CA PRO E 109 17.05 -19.75 15.17
C PRO E 109 16.80 -20.78 16.25
N LEU E 110 17.42 -20.58 17.40
CA LEU E 110 17.44 -21.63 18.43
C LEU E 110 16.23 -21.59 19.38
N GLY E 111 15.46 -20.51 19.34
CA GLY E 111 14.27 -20.38 20.19
C GLY E 111 14.65 -20.04 21.61
N PRO E 112 13.70 -20.23 22.55
CA PRO E 112 13.90 -19.75 23.91
C PRO E 112 15.08 -20.44 24.61
N MET E 113 15.75 -19.69 25.47
CA MET E 113 16.85 -20.23 26.23
C MET E 113 16.43 -21.41 27.12
N LEU E 114 15.29 -21.26 27.79
CA LEU E 114 14.72 -22.32 28.62
C LEU E 114 13.29 -22.64 28.22
N ALA E 115 12.85 -23.85 28.55
CA ALA E 115 11.44 -24.21 28.45
C ALA E 115 10.71 -23.78 29.71
N HIS E 116 9.40 -24.05 29.78
CA HIS E 116 8.59 -23.86 30.99
C HIS E 116 8.50 -22.40 31.42
N MET F 1 33.71 1.74 19.80
CA MET F 1 32.86 2.63 20.63
C MET F 1 31.62 3.04 19.83
N ALA F 2 30.51 3.40 20.48
CA ALA F 2 30.25 3.23 21.90
C ALA F 2 28.83 2.68 22.14
N GLU F 3 28.69 1.44 22.63
CA GLU F 3 29.74 0.49 22.94
C GLU F 3 29.31 -0.15 24.24
N GLU F 4 29.44 0.60 25.34
CA GLU F 4 29.13 0.06 26.66
C GLU F 4 27.65 -0.22 26.84
N THR F 5 27.34 -1.37 27.45
CA THR F 5 25.97 -1.71 27.80
C THR F 5 25.75 -1.34 29.26
N ILE F 6 24.51 -1.50 29.71
CA ILE F 6 24.17 -1.26 31.11
C ILE F 6 25.02 -2.12 32.05
N PHE F 7 25.56 -3.22 31.55
CA PHE F 7 26.38 -4.08 32.41
C PHE F 7 27.63 -3.37 32.88
N SER F 8 28.11 -2.40 32.11
CA SER F 8 29.27 -1.62 32.52
C SER F 8 28.99 -0.84 33.81
N LYS F 9 27.80 -0.23 33.89
CA LYS F 9 27.43 0.52 35.09
C LYS F 9 27.21 -0.42 36.27
N ILE F 10 26.78 -1.65 36.00
CA ILE F 10 26.59 -2.64 37.05
C ILE F 10 27.97 -3.05 37.60
N ILE F 11 28.91 -3.39 36.71
CA ILE F 11 30.29 -3.77 37.07
C ILE F 11 30.97 -2.70 37.92
N ARG F 12 30.78 -1.45 37.51
CA ARG F 12 31.46 -0.31 38.14
C ARG F 12 30.70 0.20 39.36
N ARG F 13 29.63 -0.49 39.73
CA ARG F 13 28.84 -0.15 40.92
C ARG F 13 28.26 1.27 40.85
N GLU F 14 27.79 1.63 39.66
CA GLU F 14 27.20 2.94 39.41
C GLU F 14 25.67 2.95 39.43
N ILE F 15 25.09 1.76 39.27
CA ILE F 15 23.65 1.55 39.41
C ILE F 15 23.45 0.31 40.26
N PRO F 16 22.30 0.18 40.94
CA PRO F 16 22.06 -0.97 41.79
C PRO F 16 22.04 -2.32 41.07
N SER F 17 22.52 -3.33 41.78
CA SER F 17 22.46 -4.73 41.35
C SER F 17 22.76 -5.57 42.57
N ASP F 18 22.48 -6.87 42.47
N ASP F 18 22.49 -6.87 42.47
CA ASP F 18 22.87 -7.80 43.52
CA ASP F 18 22.86 -7.81 43.51
C ASP F 18 24.11 -8.56 43.05
C ASP F 18 24.11 -8.57 43.06
N ILE F 19 25.28 -8.00 43.34
CA ILE F 19 26.56 -8.63 42.99
C ILE F 19 26.87 -9.75 43.95
N VAL F 20 27.09 -10.95 43.43
CA VAL F 20 27.42 -12.11 44.27
C VAL F 20 28.92 -12.48 44.25
N TYR F 21 29.66 -11.94 43.28
CA TYR F 21 31.09 -12.18 43.18
C TYR F 21 31.70 -11.09 42.36
N GLN F 22 32.85 -10.59 42.79
CA GLN F 22 33.64 -9.70 41.94
C GLN F 22 35.13 -9.84 42.21
N ASP F 23 35.91 -9.99 41.14
CA ASP F 23 37.36 -9.91 41.25
C ASP F 23 37.93 -9.03 40.13
N ASP F 24 39.23 -9.11 39.88
N ASP F 24 39.23 -9.08 39.88
CA ASP F 24 39.91 -8.27 38.88
CA ASP F 24 39.83 -8.22 38.85
C ASP F 24 39.58 -8.66 37.44
C ASP F 24 39.33 -8.56 37.45
N LEU F 25 38.93 -9.82 37.26
CA LEU F 25 38.58 -10.33 35.92
C LEU F 25 37.08 -10.42 35.62
N VAL F 26 36.28 -10.76 36.62
CA VAL F 26 34.86 -11.03 36.37
CA VAL F 26 34.89 -11.15 36.43
C VAL F 26 33.98 -10.49 37.48
N THR F 27 32.72 -10.29 37.12
CA THR F 27 31.68 -9.86 38.05
C THR F 27 30.46 -10.74 37.81
N ALA F 28 29.85 -11.23 38.89
CA ALA F 28 28.63 -12.03 38.81
C ALA F 28 27.52 -11.34 39.58
N PHE F 29 26.31 -11.30 39.04
CA PHE F 29 25.19 -10.59 39.64
C PHE F 29 23.88 -11.24 39.28
N ARG F 30 22.89 -11.11 40.14
CA ARG F 30 21.60 -11.73 39.87
C ARG F 30 20.90 -11.11 38.68
N ASP F 31 20.21 -11.94 37.91
CA ASP F 31 19.46 -11.45 36.76
C ASP F 31 18.27 -10.63 37.25
N ILE F 32 17.94 -9.54 36.58
CA ILE F 32 16.79 -8.71 37.00
C ILE F 32 15.44 -9.41 36.72
N SER F 33 15.46 -10.38 35.82
CA SER F 33 14.23 -11.09 35.50
C SER F 33 14.53 -12.58 35.53
N PRO F 34 14.64 -13.15 36.74
CA PRO F 34 15.11 -14.53 36.89
C PRO F 34 14.17 -15.55 36.27
N GLN F 35 14.76 -16.49 35.53
CA GLN F 35 14.00 -17.55 34.88
C GLN F 35 14.08 -18.89 35.63
N ALA F 36 14.87 -18.92 36.68
CA ALA F 36 14.98 -20.08 37.54
C ALA F 36 15.28 -19.57 38.95
N PRO F 37 15.09 -20.41 39.98
CA PRO F 37 15.36 -19.94 41.35
C PRO F 37 16.76 -19.33 41.53
N THR F 38 17.76 -19.92 40.89
CA THR F 38 19.07 -19.30 40.73
C THR F 38 19.17 -18.87 39.28
N HIS F 39 19.33 -17.58 39.08
CA HIS F 39 19.61 -17.03 37.76
C HIS F 39 20.62 -15.90 37.92
N ILE F 40 21.88 -16.21 37.64
CA ILE F 40 22.99 -15.27 37.87
C ILE F 40 23.75 -15.11 36.57
N LEU F 41 24.15 -13.87 36.28
CA LEU F 41 24.95 -13.55 35.10
C LEU F 41 26.38 -13.40 35.53
N ILE F 42 27.30 -14.01 34.77
CA ILE F 42 28.71 -13.96 35.07
C ILE F 42 29.36 -13.35 33.85
N ILE F 43 30.08 -12.25 34.06
CA ILE F 43 30.57 -11.49 32.92
C ILE F 43 31.99 -11.05 33.14
N PRO F 44 32.77 -10.89 32.04
CA PRO F 44 34.13 -10.34 32.19
C PRO F 44 34.06 -8.83 32.43
N ASN F 45 35.02 -8.31 33.18
CA ASN F 45 35.04 -6.91 33.57
C ASN F 45 35.34 -5.97 32.41
N ILE F 46 35.90 -6.50 31.32
CA ILE F 46 36.12 -5.68 30.13
C ILE F 46 35.03 -5.90 29.09
N LEU F 47 34.71 -4.86 28.35
CA LEU F 47 33.69 -4.93 27.32
C LEU F 47 34.16 -5.80 26.15
N ILE F 48 33.52 -6.96 25.99
CA ILE F 48 33.66 -7.82 24.83
C ILE F 48 32.24 -8.02 24.35
N PRO F 49 31.86 -7.40 23.21
CA PRO F 49 30.45 -7.41 22.82
C PRO F 49 29.82 -8.78 22.60
N THR F 50 30.53 -9.67 21.88
CA THR F 50 30.02 -10.98 21.54
CA THR F 50 30.02 -11.02 21.60
C THR F 50 31.14 -12.02 21.69
N VAL F 51 30.75 -13.29 21.75
CA VAL F 51 31.71 -14.37 21.80
C VAL F 51 32.62 -14.35 20.56
N ASN F 52 32.12 -13.83 19.45
CA ASN F 52 32.95 -13.67 18.25
C ASN F 52 34.18 -12.75 18.46
N ASP F 53 34.12 -11.92 19.50
CA ASP F 53 35.13 -10.90 19.73
C ASP F 53 36.22 -11.31 20.72
N VAL F 54 36.19 -12.56 21.18
CA VAL F 54 37.21 -13.01 22.12
C VAL F 54 38.56 -13.27 21.44
N SER F 55 39.64 -13.09 22.20
CA SER F 55 40.99 -13.36 21.75
C SER F 55 41.75 -14.09 22.85
N ALA F 56 42.95 -14.55 22.52
CA ALA F 56 43.81 -15.27 23.46
C ALA F 56 43.98 -14.60 24.82
N GLU F 57 44.12 -13.27 24.83
CA GLU F 57 44.37 -12.55 26.08
C GLU F 57 43.19 -12.62 27.05
N HIS F 58 42.01 -12.95 26.53
CA HIS F 58 40.81 -13.06 27.36
C HIS F 58 40.67 -14.41 28.04
N GLU F 59 41.53 -15.37 27.70
CA GLU F 59 41.30 -16.75 28.15
C GLU F 59 41.27 -16.91 29.67
N GLN F 60 42.12 -16.18 30.39
CA GLN F 60 42.08 -16.27 31.84
C GLN F 60 40.73 -15.80 32.39
N ALA F 61 40.22 -14.68 31.88
CA ALA F 61 38.91 -14.17 32.30
C ALA F 61 37.77 -15.12 31.93
N LEU F 62 37.82 -15.68 30.71
CA LEU F 62 36.82 -16.62 30.27
C LEU F 62 36.80 -17.89 31.14
N GLY F 63 37.99 -18.39 31.48
CA GLY F 63 38.11 -19.52 32.42
C GLY F 63 37.62 -19.20 33.82
N ARG F 64 37.93 -17.99 34.27
CA ARG F 64 37.44 -17.51 35.56
C ARG F 64 35.90 -17.44 35.61
N MET F 65 35.26 -17.14 34.48
CA MET F 65 33.80 -17.13 34.45
C MET F 65 33.25 -18.48 34.88
N ILE F 66 33.92 -19.55 34.43
CA ILE F 66 33.44 -20.89 34.72
C ILE F 66 33.79 -21.35 36.13
N THR F 67 34.99 -21.05 36.62
CA THR F 67 35.29 -21.40 38.02
C THR F 67 34.43 -20.57 38.98
N VAL F 68 34.14 -19.32 38.64
CA VAL F 68 33.21 -18.51 39.44
C VAL F 68 31.82 -19.11 39.39
N ALA F 69 31.38 -19.55 38.21
CA ALA F 69 30.08 -20.26 38.12
C ALA F 69 30.00 -21.44 39.07
N ALA F 70 31.05 -22.26 39.09
CA ALA F 70 31.09 -23.43 39.97
C ALA F 70 31.03 -23.01 41.45
N LYS F 71 31.78 -21.98 41.82
CA LYS F 71 31.77 -21.47 43.20
C LYS F 71 30.37 -21.01 43.56
N ILE F 72 29.74 -20.23 42.68
CA ILE F 72 28.41 -19.68 42.98
C ILE F 72 27.35 -20.79 43.05
N ALA F 73 27.45 -21.79 42.18
CA ALA F 73 26.51 -22.91 42.20
C ALA F 73 26.54 -23.57 43.58
N GLU F 74 27.74 -23.74 44.12
CA GLU F 74 27.89 -24.37 45.43
CA GLU F 74 27.86 -24.37 45.42
C GLU F 74 27.33 -23.44 46.52
N GLN F 75 27.61 -22.14 46.42
CA GLN F 75 27.08 -21.21 47.42
C GLN F 75 25.56 -21.12 47.40
N GLU F 76 24.96 -21.24 46.22
CA GLU F 76 23.50 -21.21 46.06
C GLU F 76 22.82 -22.50 46.50
N GLY F 77 23.62 -23.55 46.71
CA GLY F 77 23.13 -24.86 47.09
C GLY F 77 22.55 -25.69 45.96
N ILE F 78 22.93 -25.38 44.73
CA ILE F 78 22.39 -26.10 43.57
C ILE F 78 23.40 -27.04 42.91
N ALA F 79 24.61 -27.09 43.45
CA ALA F 79 25.71 -27.82 42.81
C ALA F 79 25.44 -29.30 42.68
N GLU F 80 24.87 -29.88 43.73
CA GLU F 80 24.61 -31.31 43.73
C GLU F 80 23.47 -31.71 42.80
N ASP F 81 22.35 -30.99 42.87
CA ASP F 81 21.21 -31.27 42.02
C ASP F 81 21.52 -30.97 40.55
N GLY F 82 22.22 -29.85 40.32
CA GLY F 82 22.65 -29.51 38.98
C GLY F 82 22.19 -28.16 38.48
N TYR F 83 22.67 -27.83 37.29
CA TYR F 83 22.49 -26.46 36.76
C TYR F 83 22.96 -26.44 35.34
N ARG F 84 22.61 -25.36 34.65
CA ARG F 84 23.05 -25.14 33.26
C ARG F 84 23.74 -23.79 33.13
N LEU F 85 24.78 -23.77 32.29
CA LEU F 85 25.50 -22.56 31.93
CA LEU F 85 25.48 -22.55 31.92
C LEU F 85 25.22 -22.28 30.46
N ILE F 86 24.76 -21.07 30.15
CA ILE F 86 24.39 -20.74 28.77
C ILE F 86 24.97 -19.38 28.36
N MET F 87 25.51 -19.35 27.14
CA MET F 87 25.94 -18.06 26.54
C MET F 87 25.22 -17.93 25.19
N ASN F 88 24.56 -16.81 25.02
CA ASN F 88 23.80 -16.51 23.80
C ASN F 88 24.54 -15.52 22.93
N THR F 89 24.66 -15.86 21.66
CA THR F 89 25.38 -14.99 20.72
C THR F 89 24.53 -14.61 19.52
N ASN F 90 24.40 -13.30 19.32
CA ASN F 90 23.70 -12.73 18.15
C ASN F 90 22.23 -13.20 17.99
N ARG F 91 21.61 -12.98 16.81
CA ARG F 91 20.13 -13.21 16.65
C ARG F 91 19.60 -14.59 16.21
N HIS F 92 20.43 -15.63 16.33
CA HIS F 92 19.99 -17.02 16.44
C HIS F 92 20.13 -17.55 17.86
N GLY F 93 21.06 -16.98 18.61
CA GLY F 93 21.25 -17.31 20.04
C GLY F 93 20.35 -16.50 20.94
N GLY F 94 19.72 -15.46 20.40
CA GLY F 94 18.83 -14.60 21.19
C GLY F 94 19.54 -13.58 22.07
N GLN F 95 20.77 -13.22 21.74
CA GLN F 95 21.50 -12.20 22.50
C GLN F 95 20.80 -10.85 22.45
N GLU F 96 20.68 -10.23 23.63
CA GLU F 96 20.01 -8.93 23.80
C GLU F 96 20.94 -7.87 24.34
N VAL F 97 21.79 -8.23 25.30
CA VAL F 97 22.79 -7.31 25.84
CA VAL F 97 22.77 -7.30 25.82
C VAL F 97 24.15 -7.64 25.26
N TYR F 98 24.76 -6.67 24.58
CA TYR F 98 25.97 -6.88 23.83
C TYR F 98 27.24 -6.65 24.64
N HIS F 99 27.30 -7.43 25.72
CA HIS F 99 28.49 -7.60 26.53
C HIS F 99 28.42 -9.08 26.87
N ILE F 100 29.46 -9.86 26.58
CA ILE F 100 29.31 -11.31 26.76
CA ILE F 100 29.39 -11.32 26.76
C ILE F 100 29.00 -11.68 28.19
N HIS F 101 28.18 -12.70 28.33
CA HIS F 101 27.80 -13.12 29.66
C HIS F 101 27.30 -14.54 29.67
N MET F 102 27.58 -15.19 30.78
CA MET F 102 27.11 -16.55 30.97
CA MET F 102 27.14 -16.55 31.01
C MET F 102 25.97 -16.54 31.96
N HIS F 103 24.87 -17.17 31.58
CA HIS F 103 23.77 -17.38 32.52
C HIS F 103 24.04 -18.65 33.34
N LEU F 104 24.01 -18.53 34.66
CA LEU F 104 23.98 -19.69 35.55
C LEU F 104 22.55 -19.89 36.03
N LEU F 105 22.00 -21.06 35.71
CA LEU F 105 20.58 -21.37 35.92
C LEU F 105 20.43 -22.69 36.71
N GLY F 106 19.59 -22.67 37.74
CA GLY F 106 19.35 -23.90 38.50
C GLY F 106 18.35 -23.67 39.59
N GLY F 107 18.20 -24.69 40.43
CA GLY F 107 17.22 -24.65 41.52
C GLY F 107 15.99 -25.51 41.25
N ARG F 108 15.92 -26.11 40.08
CA ARG F 108 14.80 -26.96 39.64
C ARG F 108 15.26 -27.70 38.40
N PRO F 109 14.63 -28.83 38.06
CA PRO F 109 14.99 -29.48 36.78
C PRO F 109 14.73 -28.51 35.63
N LEU F 110 15.70 -28.37 34.73
CA LEU F 110 15.63 -27.26 33.78
C LEU F 110 14.94 -27.55 32.47
N GLY F 111 14.62 -28.81 32.23
CA GLY F 111 13.97 -29.21 30.99
C GLY F 111 14.96 -29.42 29.87
N PRO F 112 14.45 -29.59 28.62
CA PRO F 112 15.30 -29.87 27.46
C PRO F 112 16.29 -28.75 27.21
N MET F 113 17.46 -29.14 26.74
CA MET F 113 18.52 -28.19 26.40
CA MET F 113 18.51 -28.19 26.41
C MET F 113 18.04 -27.20 25.35
N LEU F 114 17.33 -27.70 24.34
CA LEU F 114 16.75 -26.86 23.29
C LEU F 114 15.27 -27.14 23.16
N ALA F 115 14.50 -26.13 22.77
CA ALA F 115 13.09 -26.32 22.42
C ALA F 115 13.01 -27.11 21.12
N HIS F 116 11.94 -27.90 20.99
CA HIS F 116 11.70 -28.63 19.75
C HIS F 116 11.61 -27.66 18.57
N LYS F 117 12.40 -27.94 17.55
CA LYS F 117 12.39 -27.18 16.30
C LYS F 117 11.03 -27.32 15.62
N GLY F 118 10.38 -26.19 15.36
CA GLY F 118 9.07 -26.20 14.70
C GLY F 118 8.84 -25.06 13.74
N LEU F 119 7.61 -25.00 13.21
CA LEU F 119 7.07 -23.87 12.41
C LEU F 119 8.07 -23.06 11.60
N ALA G 2 -51.82 26.25 -16.47
CA ALA G 2 -50.41 26.45 -16.05
C ALA G 2 -50.18 27.90 -15.70
N GLU G 3 -49.60 28.15 -14.52
CA GLU G 3 -49.30 29.51 -14.08
C GLU G 3 -47.95 29.99 -14.57
N GLU G 4 -47.84 31.31 -14.72
CA GLU G 4 -46.70 31.91 -15.37
C GLU G 4 -45.52 31.98 -14.44
N THR G 5 -44.34 31.77 -15.01
CA THR G 5 -43.09 32.01 -14.32
C THR G 5 -42.62 33.40 -14.68
N ILE G 6 -41.55 33.83 -14.03
CA ILE G 6 -40.88 35.08 -14.39
C ILE G 6 -40.46 35.14 -15.87
N PHE G 7 -40.23 33.98 -16.51
CA PHE G 7 -39.82 33.99 -17.93
C PHE G 7 -40.86 34.63 -18.84
N SER G 8 -42.14 34.56 -18.46
CA SER G 8 -43.20 35.22 -19.22
C SER G 8 -42.99 36.71 -19.27
N LYS G 9 -42.64 37.30 -18.13
CA LYS G 9 -42.36 38.75 -18.08
C LYS G 9 -41.11 39.11 -18.90
N ILE G 10 -40.14 38.20 -18.93
CA ILE G 10 -38.93 38.40 -19.73
C ILE G 10 -39.30 38.39 -21.22
N ILE G 11 -40.05 37.38 -21.67
CA ILE G 11 -40.47 37.30 -23.07
C ILE G 11 -41.22 38.55 -23.53
N ARG G 12 -42.18 39.01 -22.73
N ARG G 12 -42.14 39.00 -22.67
CA ARG G 12 -42.98 40.16 -23.15
CA ARG G 12 -43.03 40.13 -22.93
C ARG G 12 -42.27 41.50 -22.94
C ARG G 12 -42.38 41.48 -22.65
N ARG G 13 -41.09 41.46 -22.33
CA ARG G 13 -40.30 42.66 -22.05
C ARG G 13 -41.00 43.56 -21.02
N GLU G 14 -41.67 42.92 -20.07
CA GLU G 14 -42.30 43.62 -18.95
C GLU G 14 -41.31 43.92 -17.85
N ILE G 15 -40.23 43.14 -17.80
CA ILE G 15 -39.09 43.43 -16.92
C ILE G 15 -37.82 43.39 -17.77
N PRO G 16 -36.75 44.04 -17.33
CA PRO G 16 -35.48 43.96 -18.04
C PRO G 16 -34.84 42.58 -17.95
N SER G 17 -34.07 42.22 -18.96
CA SER G 17 -33.19 41.04 -18.96
C SER G 17 -32.28 41.14 -20.18
N ASP G 18 -31.20 40.37 -20.18
CA ASP G 18 -30.23 40.44 -21.27
C ASP G 18 -30.63 39.48 -22.38
N ILE G 19 -31.57 39.96 -23.22
CA ILE G 19 -32.07 39.18 -24.35
C ILE G 19 -31.08 39.26 -25.47
N VAL G 20 -30.65 38.10 -25.95
CA VAL G 20 -29.68 38.03 -27.04
C VAL G 20 -30.32 37.68 -28.39
N TYR G 21 -31.54 37.15 -28.37
CA TYR G 21 -32.25 36.77 -29.59
C TYR G 21 -33.74 36.70 -29.28
N GLN G 22 -34.58 37.17 -30.19
CA GLN G 22 -36.02 36.94 -30.05
C GLN G 22 -36.66 36.90 -31.41
N ASP G 23 -37.53 35.91 -31.63
CA ASP G 23 -38.33 35.85 -32.84
C ASP G 23 -39.76 35.45 -32.52
N ASP G 24 -40.53 35.04 -33.52
CA ASP G 24 -41.93 34.72 -33.24
C ASP G 24 -42.10 33.54 -32.27
N LEU G 25 -41.10 32.66 -32.25
CA LEU G 25 -41.22 31.37 -31.53
CA LEU G 25 -41.21 31.38 -31.54
C LEU G 25 -40.39 31.25 -30.26
N VAL G 26 -39.23 31.88 -30.23
CA VAL G 26 -38.29 31.72 -29.13
C VAL G 26 -37.70 33.00 -28.63
N THR G 27 -37.29 33.00 -27.37
CA THR G 27 -36.54 34.08 -26.77
C THR G 27 -35.30 33.49 -26.10
N ALA G 28 -34.15 34.12 -26.26
CA ALA G 28 -32.91 33.65 -25.64
C ALA G 28 -32.31 34.79 -24.83
N PHE G 29 -31.93 34.50 -23.59
CA PHE G 29 -31.37 35.51 -22.69
C PHE G 29 -30.32 34.89 -21.78
N ARG G 30 -29.39 35.71 -21.31
CA ARG G 30 -28.35 35.21 -20.42
C ARG G 30 -28.90 34.75 -19.09
N ASP G 31 -28.37 33.64 -18.59
CA ASP G 31 -28.72 33.16 -17.26
C ASP G 31 -28.23 34.17 -16.21
N ILE G 32 -29.06 34.43 -15.20
CA ILE G 32 -28.70 35.39 -14.16
C ILE G 32 -27.56 34.89 -13.25
N SER G 33 -27.35 33.57 -13.21
CA SER G 33 -26.31 32.95 -12.40
CA SER G 33 -26.31 32.97 -12.40
C SER G 33 -25.51 31.99 -13.27
N PRO G 34 -24.65 32.54 -14.15
CA PRO G 34 -23.99 31.70 -15.16
C PRO G 34 -23.05 30.64 -14.57
N GLN G 35 -23.10 29.45 -15.14
CA GLN G 35 -22.26 28.33 -14.70
CA GLN G 35 -22.29 28.31 -14.70
C GLN G 35 -21.10 28.06 -15.64
N ALA G 36 -21.05 28.82 -16.73
CA ALA G 36 -19.97 28.70 -17.71
C ALA G 36 -19.84 30.08 -18.34
N PRO G 37 -18.70 30.35 -18.99
CA PRO G 37 -18.50 31.68 -19.60
C PRO G 37 -19.59 32.09 -20.62
N THR G 38 -20.15 31.11 -21.33
CA THR G 38 -21.42 31.30 -22.02
C THR G 38 -22.45 30.46 -21.29
N HIS G 39 -23.51 31.12 -20.85
CA HIS G 39 -24.64 30.42 -20.28
C HIS G 39 -25.89 31.17 -20.66
N ILE G 40 -26.58 30.66 -21.67
CA ILE G 40 -27.75 31.29 -22.24
C ILE G 40 -28.95 30.36 -22.16
N LEU G 41 -30.10 30.91 -21.82
CA LEU G 41 -31.35 30.13 -21.79
C LEU G 41 -32.09 30.42 -23.06
N ILE G 42 -32.56 29.37 -23.73
CA ILE G 42 -33.38 29.47 -24.93
C ILE G 42 -34.73 28.86 -24.64
N ILE G 43 -35.79 29.66 -24.78
CA ILE G 43 -37.12 29.24 -24.31
C ILE G 43 -38.18 29.51 -25.39
N PRO G 44 -39.25 28.71 -25.45
CA PRO G 44 -40.35 29.02 -26.35
C PRO G 44 -41.15 30.19 -25.80
N ASN G 45 -41.75 30.98 -26.68
CA ASN G 45 -42.54 32.14 -26.28
C ASN G 45 -43.88 31.78 -25.68
N ILE G 46 -44.32 30.56 -25.94
CA ILE G 46 -45.54 30.00 -25.34
C ILE G 46 -45.17 29.25 -24.05
N LEU G 47 -45.95 29.42 -22.99
CA LEU G 47 -45.72 28.68 -21.75
CA LEU G 47 -45.71 28.69 -21.75
C LEU G 47 -46.02 27.19 -21.91
N ILE G 48 -44.97 26.38 -21.78
CA ILE G 48 -45.06 24.92 -21.76
C ILE G 48 -44.31 24.58 -20.47
N PRO G 49 -45.01 24.15 -19.41
CA PRO G 49 -44.33 24.02 -18.11
C PRO G 49 -43.16 23.05 -18.08
N THR G 50 -43.34 21.86 -18.64
CA THR G 50 -42.27 20.85 -18.64
C THR G 50 -42.23 20.20 -20.01
N VAL G 51 -41.16 19.43 -20.24
CA VAL G 51 -41.05 18.69 -21.48
C VAL G 51 -42.16 17.66 -21.61
N ASN G 52 -42.75 17.22 -20.48
CA ASN G 52 -43.87 16.31 -20.57
C ASN G 52 -45.09 16.91 -21.22
N ASP G 53 -45.12 18.23 -21.38
CA ASP G 53 -46.30 18.93 -21.87
C ASP G 53 -46.20 19.30 -23.34
N VAL G 54 -45.15 18.84 -23.99
CA VAL G 54 -45.01 19.15 -25.43
C VAL G 54 -45.93 18.28 -26.26
N SER G 55 -46.29 18.79 -27.43
CA SER G 55 -47.03 18.02 -28.43
C SER G 55 -46.60 18.47 -29.84
N ALA G 56 -47.18 17.84 -30.85
CA ALA G 56 -46.82 18.09 -32.24
C ALA G 56 -46.85 19.55 -32.62
N GLU G 57 -47.85 20.29 -32.11
CA GLU G 57 -47.97 21.71 -32.47
C GLU G 57 -46.78 22.55 -32.02
N HIS G 58 -45.98 22.05 -31.07
CA HIS G 58 -44.78 22.75 -30.59
C HIS G 58 -43.51 22.38 -31.32
N GLU G 59 -43.59 21.42 -32.24
CA GLU G 59 -42.36 20.92 -32.84
C GLU G 59 -41.57 21.99 -33.58
N GLN G 60 -42.24 22.91 -34.26
CA GLN G 60 -41.47 23.93 -34.96
C GLN G 60 -40.73 24.84 -33.95
N ALA G 61 -41.38 25.19 -32.83
CA ALA G 61 -40.73 25.99 -31.80
C ALA G 61 -39.57 25.27 -31.13
N LEU G 62 -39.75 23.97 -30.90
CA LEU G 62 -38.72 23.19 -30.24
C LEU G 62 -37.51 23.05 -31.16
N GLY G 63 -37.77 22.85 -32.46
CA GLY G 63 -36.71 22.85 -33.45
C GLY G 63 -35.99 24.18 -33.56
N ARG G 64 -36.76 25.26 -33.50
CA ARG G 64 -36.19 26.61 -33.51
C ARG G 64 -35.29 26.85 -32.31
N MET G 65 -35.60 26.24 -31.15
CA MET G 65 -34.70 26.38 -30.00
C MET G 65 -33.30 25.91 -30.35
N ILE G 66 -33.20 24.83 -31.11
CA ILE G 66 -31.91 24.26 -31.47
C ILE G 66 -31.21 25.05 -32.59
N THR G 67 -31.95 25.45 -33.64
CA THR G 67 -31.30 26.28 -34.68
C THR G 67 -30.87 27.63 -34.12
N VAL G 68 -31.64 28.20 -33.20
CA VAL G 68 -31.22 29.43 -32.52
C VAL G 68 -29.99 29.18 -31.64
N ALA G 69 -29.91 28.02 -30.99
CA ALA G 69 -28.72 27.70 -30.22
C ALA G 69 -27.49 27.69 -31.09
N ALA G 70 -27.58 27.11 -32.28
CA ALA G 70 -26.47 27.10 -33.22
C ALA G 70 -26.05 28.52 -33.60
N LYS G 71 -27.02 29.37 -33.86
CA LYS G 71 -26.74 30.77 -34.22
C LYS G 71 -26.05 31.51 -33.07
N ILE G 72 -26.52 31.30 -31.85
CA ILE G 72 -25.96 31.96 -30.69
C ILE G 72 -24.56 31.43 -30.38
N ALA G 73 -24.36 30.13 -30.49
CA ALA G 73 -23.04 29.56 -30.30
C ALA G 73 -22.01 30.22 -31.21
N GLU G 74 -22.38 30.46 -32.46
CA GLU G 74 -21.50 31.13 -33.41
C GLU G 74 -21.19 32.55 -32.93
N GLN G 75 -22.21 33.29 -32.51
CA GLN G 75 -22.04 34.66 -32.01
C GLN G 75 -21.23 34.75 -30.72
N GLU G 76 -21.28 33.69 -29.91
CA GLU G 76 -20.57 33.66 -28.63
C GLU G 76 -19.11 33.28 -28.81
N GLY G 77 -18.74 32.87 -30.02
CA GLY G 77 -17.38 32.38 -30.31
C GLY G 77 -17.07 31.01 -29.76
N ILE G 78 -18.11 30.19 -29.60
CA ILE G 78 -17.94 28.85 -29.01
C ILE G 78 -18.27 27.73 -29.99
N ALA G 79 -18.64 28.07 -31.22
CA ALA G 79 -19.13 27.04 -32.13
C ALA G 79 -18.04 25.99 -32.44
N GLU G 80 -16.84 26.45 -32.70
CA GLU G 80 -15.75 25.56 -33.04
C GLU G 80 -15.25 24.74 -31.88
N ASP G 81 -14.97 25.39 -30.78
CA ASP G 81 -14.48 24.68 -29.59
C ASP G 81 -15.54 23.74 -29.03
N GLY G 82 -16.78 24.20 -29.02
CA GLY G 82 -17.91 23.34 -28.64
C GLY G 82 -18.72 23.82 -27.47
N TYR G 83 -19.77 23.06 -27.16
CA TYR G 83 -20.78 23.52 -26.24
C TYR G 83 -21.73 22.39 -25.93
N ARG G 84 -22.50 22.55 -24.86
CA ARG G 84 -23.48 21.57 -24.44
C ARG G 84 -24.84 22.25 -24.38
N LEU G 85 -25.88 21.51 -24.81
CA LEU G 85 -27.28 21.95 -24.66
C LEU G 85 -27.93 21.00 -23.67
N ILE G 86 -28.58 21.55 -22.65
CA ILE G 86 -29.20 20.76 -21.57
C ILE G 86 -30.59 21.29 -21.27
N MET G 87 -31.56 20.37 -21.20
CA MET G 87 -32.91 20.70 -20.72
CA MET G 87 -32.88 20.71 -20.71
C MET G 87 -33.20 19.81 -19.53
N ASN G 88 -33.58 20.43 -18.42
CA ASN G 88 -33.89 19.70 -17.18
C ASN G 88 -35.38 19.61 -16.95
N THR G 89 -35.87 18.42 -16.60
CA THR G 89 -37.29 18.21 -16.36
C THR G 89 -37.55 17.59 -14.99
N ASN G 90 -38.43 18.24 -14.24
CA ASN G 90 -38.85 17.78 -12.91
C ASN G 90 -37.69 17.53 -11.93
N ARG G 91 -37.94 16.84 -10.83
CA ARG G 91 -36.95 16.82 -9.75
C ARG G 91 -35.64 16.06 -10.09
N HIS G 92 -35.74 14.93 -10.75
CA HIS G 92 -34.51 14.20 -11.08
C HIS G 92 -33.61 14.97 -12.06
N GLY G 93 -34.22 15.82 -12.89
CA GLY G 93 -33.44 16.68 -13.78
C GLY G 93 -33.01 17.97 -13.13
N GLY G 94 -33.62 18.31 -12.00
CA GLY G 94 -33.28 19.56 -11.30
C GLY G 94 -33.98 20.79 -11.81
N GLN G 95 -35.14 20.61 -12.46
CA GLN G 95 -35.88 21.78 -12.95
C GLN G 95 -36.33 22.69 -11.81
N GLU G 96 -36.02 23.98 -11.95
CA GLU G 96 -36.38 24.98 -10.95
C GLU G 96 -37.46 25.94 -11.45
N VAL G 97 -37.40 26.30 -12.74
CA VAL G 97 -38.36 27.22 -13.34
C VAL G 97 -39.26 26.43 -14.28
N TYR G 98 -40.56 26.46 -14.02
CA TYR G 98 -41.53 25.63 -14.75
C TYR G 98 -42.09 26.27 -16.02
N HIS G 99 -41.14 26.56 -16.90
CA HIS G 99 -41.38 26.96 -18.28
C HIS G 99 -40.18 26.35 -18.99
N ILE G 100 -40.40 25.50 -19.98
CA ILE G 100 -39.26 24.75 -20.51
C ILE G 100 -38.19 25.65 -21.08
N HIS G 101 -36.95 25.21 -20.96
CA HIS G 101 -35.82 26.01 -21.43
C HIS G 101 -34.61 25.14 -21.58
N MET G 102 -33.84 25.51 -22.59
CA MET G 102 -32.60 24.84 -22.91
CA MET G 102 -32.60 24.83 -22.90
C MET G 102 -31.45 25.72 -22.48
N HIS G 103 -30.50 25.14 -21.75
CA HIS G 103 -29.26 25.82 -21.39
C HIS G 103 -28.25 25.62 -22.52
N LEU G 104 -27.70 26.73 -23.01
CA LEU G 104 -26.55 26.68 -23.90
C LEU G 104 -25.32 27.06 -23.08
N LEU G 105 -24.40 26.10 -22.96
CA LEU G 105 -23.23 26.21 -22.09
C LEU G 105 -21.96 26.03 -22.89
N GLY G 106 -21.03 26.93 -22.69
CA GLY G 106 -19.73 26.81 -23.39
C GLY G 106 -18.73 27.82 -22.91
N GLY G 107 -17.62 27.90 -23.63
CA GLY G 107 -16.56 28.84 -23.28
C GLY G 107 -15.36 28.24 -22.59
N ARG G 108 -15.41 26.94 -22.32
CA ARG G 108 -14.33 26.20 -21.65
C ARG G 108 -14.68 24.72 -21.75
N PRO G 109 -13.70 23.80 -21.58
CA PRO G 109 -14.08 22.39 -21.53
C PRO G 109 -15.13 22.16 -20.46
N LEU G 110 -16.21 21.48 -20.83
CA LEU G 110 -17.34 21.34 -19.91
C LEU G 110 -17.28 20.13 -18.99
N GLY G 111 -16.30 19.25 -19.21
N GLY G 111 -16.33 19.23 -19.24
CA GLY G 111 -16.09 18.08 -18.36
CA GLY G 111 -16.09 18.06 -18.41
C GLY G 111 -17.20 17.06 -18.51
C GLY G 111 -17.08 16.92 -18.64
N PRO G 112 -17.22 16.07 -17.61
N PRO G 112 -17.22 16.07 -17.63
CA PRO G 112 -18.15 14.96 -17.66
CA PRO G 112 -18.09 14.91 -17.78
C PRO G 112 -19.57 15.41 -17.96
C PRO G 112 -19.56 15.32 -17.89
N MET G 113 -20.26 14.66 -18.80
CA MET G 113 -21.65 14.93 -19.08
C MET G 113 -22.52 14.76 -17.83
N LEU G 114 -22.20 13.75 -17.02
CA LEU G 114 -22.90 13.47 -15.76
C LEU G 114 -21.94 13.17 -14.60
N ALA G 115 -22.36 13.51 -13.40
CA ALA G 115 -21.76 12.92 -12.18
C ALA G 115 -22.09 11.41 -12.16
N HIS G 116 -21.30 10.57 -11.50
CA HIS G 116 -20.53 10.93 -10.31
C HIS G 116 -19.08 11.32 -10.56
N ALA H 2 -18.89 15.08 -43.04
CA ALA H 2 -19.65 14.78 -44.30
C ALA H 2 -19.80 13.29 -44.55
N GLU H 3 -19.10 12.47 -43.76
CA GLU H 3 -19.25 11.02 -43.85
C GLU H 3 -20.17 10.46 -42.76
N GLU H 4 -20.94 9.44 -43.11
CA GLU H 4 -21.84 8.78 -42.18
C GLU H 4 -21.10 8.07 -41.06
N THR H 5 -21.75 7.99 -39.91
CA THR H 5 -21.21 7.31 -38.75
C THR H 5 -21.89 5.95 -38.51
N ILE H 6 -21.45 5.28 -37.46
CA ILE H 6 -22.07 4.04 -36.99
CA ILE H 6 -22.09 4.03 -37.04
C ILE H 6 -23.57 4.24 -36.74
N PHE H 7 -23.97 5.48 -36.37
CA PHE H 7 -25.39 5.72 -36.10
C PHE H 7 -26.27 5.56 -37.33
N SER H 8 -25.75 5.83 -38.53
CA SER H 8 -26.51 5.54 -39.75
C SER H 8 -26.78 4.05 -39.89
N LYS H 9 -25.78 3.24 -39.57
CA LYS H 9 -25.98 1.79 -39.59
C LYS H 9 -27.02 1.36 -38.55
N ILE H 10 -27.01 1.99 -37.37
CA ILE H 10 -28.00 1.68 -36.35
C ILE H 10 -29.43 1.98 -36.87
N ILE H 11 -29.62 3.18 -37.42
CA ILE H 11 -30.91 3.62 -37.95
C ILE H 11 -31.44 2.62 -38.98
N ARG H 12 -30.50 2.11 -39.78
CA ARG H 12 -30.84 1.27 -40.94
CA ARG H 12 -30.82 1.25 -40.93
C ARG H 12 -30.79 -0.22 -40.61
N ARG H 13 -30.65 -0.56 -39.34
CA ARG H 13 -30.63 -1.96 -38.91
C ARG H 13 -29.51 -2.73 -39.60
N GLU H 14 -28.34 -2.11 -39.69
CA GLU H 14 -27.13 -2.75 -40.17
C GLU H 14 -26.09 -3.00 -39.08
N ILE H 15 -26.37 -2.50 -37.89
CA ILE H 15 -25.62 -2.79 -36.68
C ILE H 15 -26.68 -3.08 -35.64
N PRO H 16 -26.54 -4.16 -34.86
CA PRO H 16 -27.51 -4.43 -33.81
C PRO H 16 -27.67 -3.27 -32.82
N SER H 17 -28.89 -3.06 -32.35
CA SER H 17 -29.18 -2.05 -31.33
C SER H 17 -30.54 -2.38 -30.73
N ASP H 18 -30.90 -1.71 -29.64
CA ASP H 18 -32.24 -1.80 -29.08
C ASP H 18 -32.95 -0.52 -29.45
N ILE H 19 -33.70 -0.55 -30.55
CA ILE H 19 -34.47 0.60 -31.00
C ILE H 19 -35.76 0.66 -30.21
N VAL H 20 -36.05 1.82 -29.62
CA VAL H 20 -37.24 1.96 -28.81
C VAL H 20 -38.35 2.72 -29.53
N TYR H 21 -37.97 3.51 -30.54
CA TYR H 21 -38.91 4.34 -31.29
C TYR H 21 -38.31 4.63 -32.65
N GLN H 22 -39.14 4.58 -33.69
CA GLN H 22 -38.67 5.07 -34.98
C GLN H 22 -39.82 5.58 -35.82
N ASP H 23 -39.63 6.73 -36.45
CA ASP H 23 -40.58 7.22 -37.42
C ASP H 23 -39.81 7.74 -38.64
N ASP H 24 -40.47 8.52 -39.49
CA ASP H 24 -39.87 9.02 -40.73
CA ASP H 24 -39.83 8.97 -40.73
C ASP H 24 -38.77 10.04 -40.49
N LEU H 25 -38.77 10.62 -39.29
CA LEU H 25 -37.81 11.67 -38.98
C LEU H 25 -36.71 11.31 -37.99
N VAL H 26 -37.02 10.45 -37.02
CA VAL H 26 -36.08 10.22 -35.93
CA VAL H 26 -36.19 10.27 -35.84
C VAL H 26 -36.10 8.77 -35.49
N THR H 27 -35.00 8.37 -34.87
CA THR H 27 -34.84 7.04 -34.30
C THR H 27 -34.32 7.23 -32.88
N ALA H 28 -34.87 6.46 -31.95
CA ALA H 28 -34.35 6.42 -30.58
C ALA H 28 -33.92 5.01 -30.22
N PHE H 29 -32.77 4.87 -29.57
CA PHE H 29 -32.21 3.57 -29.27
C PHE H 29 -31.40 3.67 -27.99
N ARG H 30 -31.26 2.55 -27.30
N ARG H 30 -31.26 2.55 -27.30
CA ARG H 30 -30.55 2.50 -26.03
CA ARG H 30 -30.55 2.56 -26.02
C ARG H 30 -29.06 2.77 -26.20
C ARG H 30 -29.05 2.75 -26.19
N ASP H 31 -28.47 3.51 -25.27
CA ASP H 31 -27.02 3.73 -25.30
C ASP H 31 -26.32 2.41 -24.99
N ILE H 32 -25.22 2.12 -25.69
CA ILE H 32 -24.47 0.88 -25.46
C ILE H 32 -23.72 0.87 -24.12
N SER H 33 -23.45 2.05 -23.57
CA SER H 33 -22.74 2.19 -22.30
CA SER H 33 -22.75 2.19 -22.29
C SER H 33 -23.54 3.11 -21.37
N PRO H 34 -24.69 2.65 -20.87
CA PRO H 34 -25.60 3.54 -20.16
C PRO H 34 -25.04 4.13 -18.87
N GLN H 35 -25.30 5.42 -18.66
CA GLN H 35 -24.82 6.14 -17.48
C GLN H 35 -25.95 6.43 -16.50
N ALA H 36 -27.17 6.00 -16.82
CA ALA H 36 -28.32 6.10 -15.93
C ALA H 36 -29.27 4.94 -16.23
N PRO H 37 -30.20 4.62 -15.31
CA PRO H 37 -31.14 3.52 -15.56
C PRO H 37 -31.89 3.64 -16.89
N THR H 38 -32.29 4.85 -17.26
CA THR H 38 -32.71 5.15 -18.62
C THR H 38 -31.62 5.97 -19.27
N HIS H 39 -31.10 5.47 -20.37
CA HIS H 39 -30.12 6.22 -21.17
C HIS H 39 -30.36 5.89 -22.64
N ILE H 40 -31.08 6.79 -23.29
CA ILE H 40 -31.55 6.55 -24.64
C ILE H 40 -31.06 7.68 -25.53
N LEU H 41 -30.59 7.35 -26.73
CA LEU H 41 -30.15 8.36 -27.70
C LEU H 41 -31.24 8.61 -28.71
N ILE H 42 -31.52 9.88 -29.02
CA ILE H 42 -32.58 10.23 -29.96
C ILE H 42 -31.89 11.02 -31.08
N ILE H 43 -32.05 10.57 -32.31
CA ILE H 43 -31.23 11.09 -33.42
C ILE H 43 -32.11 11.31 -34.66
N PRO H 44 -31.80 12.32 -35.47
CA PRO H 44 -32.49 12.47 -36.77
C PRO H 44 -32.02 11.38 -37.71
N ASN H 45 -32.92 10.91 -38.58
CA ASN H 45 -32.60 9.82 -39.49
C ASN H 45 -31.56 10.23 -40.52
N ILE H 46 -31.55 11.51 -40.87
CA ILE H 46 -30.54 12.02 -41.81
C ILE H 46 -29.28 12.48 -41.10
N LEU H 47 -28.14 12.34 -41.76
CA LEU H 47 -26.88 12.82 -41.20
C LEU H 47 -26.81 14.34 -41.13
N ILE H 48 -26.64 14.82 -39.89
CA ILE H 48 -26.29 16.21 -39.56
C ILE H 48 -25.13 16.03 -38.59
N PRO H 49 -23.90 16.36 -39.01
CA PRO H 49 -22.75 15.99 -38.18
C PRO H 49 -22.68 16.64 -36.79
N THR H 50 -22.93 17.93 -36.71
CA THR H 50 -22.91 18.68 -35.44
C THR H 50 -24.08 19.64 -35.40
N VAL H 51 -24.35 20.18 -34.22
CA VAL H 51 -25.41 21.16 -34.08
C VAL H 51 -25.12 22.43 -34.91
N ASN H 52 -23.85 22.68 -35.22
CA ASN H 52 -23.49 23.82 -36.04
C ASN H 52 -24.00 23.70 -37.47
N ASP H 53 -24.38 22.48 -37.86
CA ASP H 53 -24.80 22.18 -39.23
C ASP H 53 -26.30 22.18 -39.44
N VAL H 54 -27.06 22.50 -38.40
CA VAL H 54 -28.51 22.54 -38.56
C VAL H 54 -28.97 23.74 -39.40
N SER H 55 -30.10 23.57 -40.05
CA SER H 55 -30.70 24.60 -40.89
CA SER H 55 -30.70 24.64 -40.83
C SER H 55 -32.22 24.61 -40.66
N ALA H 56 -32.91 25.61 -41.18
CA ALA H 56 -34.33 25.74 -41.02
C ALA H 56 -35.11 24.49 -41.43
N GLU H 57 -34.70 23.83 -42.51
CA GLU H 57 -35.40 22.62 -42.99
C GLU H 57 -35.39 21.46 -41.99
N HIS H 58 -34.48 21.52 -41.02
CA HIS H 58 -34.33 20.47 -40.00
C HIS H 58 -35.23 20.70 -38.80
N GLU H 59 -35.89 21.84 -38.73
CA GLU H 59 -36.61 22.19 -37.50
C GLU H 59 -37.69 21.19 -37.10
N GLN H 60 -38.42 20.63 -38.06
CA GLN H 60 -39.43 19.64 -37.69
C GLN H 60 -38.80 18.40 -37.07
N ALA H 61 -37.72 17.91 -37.67
CA ALA H 61 -37.03 16.74 -37.12
C ALA H 61 -36.37 17.03 -35.77
N LEU H 62 -35.80 18.22 -35.61
CA LEU H 62 -35.22 18.60 -34.33
C LEU H 62 -36.30 18.67 -33.24
N GLY H 63 -37.45 19.24 -33.56
CA GLY H 63 -38.58 19.28 -32.63
C GLY H 63 -39.10 17.89 -32.32
N ARG H 64 -39.14 17.02 -33.33
CA ARG H 64 -39.56 15.63 -33.15
C ARG H 64 -38.61 14.92 -32.18
N MET H 65 -37.34 15.27 -32.14
CA MET H 65 -36.45 14.65 -31.18
CA MET H 65 -36.43 14.66 -31.15
C MET H 65 -36.94 14.91 -29.75
N ILE H 66 -37.46 16.11 -29.51
CA ILE H 66 -37.91 16.46 -28.17
C ILE H 66 -39.30 15.88 -27.84
N THR H 67 -40.24 15.87 -28.79
CA THR H 67 -41.53 15.24 -28.50
C THR H 67 -41.36 13.72 -28.34
N VAL H 68 -40.46 13.12 -29.09
CA VAL H 68 -40.13 11.70 -28.89
C VAL H 68 -39.49 11.47 -27.51
N ALA H 69 -38.60 12.37 -27.09
CA ALA H 69 -38.03 12.29 -25.73
C ALA H 69 -39.14 12.28 -24.70
N ALA H 70 -40.12 13.16 -24.84
CA ALA H 70 -41.24 13.17 -23.88
C ALA H 70 -42.01 11.84 -23.90
N LYS H 71 -42.28 11.33 -25.09
CA LYS H 71 -43.02 10.08 -25.21
C LYS H 71 -42.26 8.96 -24.52
N ILE H 72 -40.96 8.89 -24.79
CA ILE H 72 -40.14 7.82 -24.21
C ILE H 72 -39.95 7.95 -22.70
N ALA H 73 -39.83 9.16 -22.19
CA ALA H 73 -39.73 9.37 -20.74
C ALA H 73 -40.96 8.76 -20.08
N GLU H 74 -42.14 9.01 -20.64
CA GLU H 74 -43.34 8.39 -20.08
C GLU H 74 -43.29 6.88 -20.23
N GLN H 75 -42.92 6.38 -21.40
CA GLN H 75 -42.80 4.94 -21.64
C GLN H 75 -41.89 4.26 -20.60
N GLU H 76 -40.80 4.93 -20.24
CA GLU H 76 -39.80 4.39 -19.32
C GLU H 76 -40.21 4.52 -17.86
N GLY H 77 -41.27 5.27 -17.59
CA GLY H 77 -41.75 5.46 -16.22
C GLY H 77 -41.01 6.53 -15.45
N ILE H 78 -40.30 7.42 -16.17
CA ILE H 78 -39.47 8.45 -15.54
C ILE H 78 -40.03 9.87 -15.69
N ALA H 79 -41.20 9.99 -16.31
CA ALA H 79 -41.71 11.34 -16.64
C ALA H 79 -42.02 12.13 -15.38
N GLU H 80 -42.63 11.49 -14.39
CA GLU H 80 -42.98 12.22 -13.16
C GLU H 80 -41.77 12.57 -12.31
N ASP H 81 -40.87 11.62 -12.08
CA ASP H 81 -39.67 11.87 -11.29
C ASP H 81 -38.77 12.87 -11.99
N GLY H 82 -38.66 12.71 -13.30
CA GLY H 82 -37.87 13.64 -14.12
C GLY H 82 -36.69 13.05 -14.86
N TYR H 83 -36.04 13.89 -15.65
CA TYR H 83 -35.02 13.44 -16.57
C TYR H 83 -34.27 14.65 -17.14
N ARG H 84 -33.15 14.37 -17.79
CA ARG H 84 -32.34 15.41 -18.44
C ARG H 84 -32.11 15.05 -19.91
N LEU H 85 -32.16 16.07 -20.75
CA LEU H 85 -31.83 15.97 -22.18
C LEU H 85 -30.51 16.70 -22.41
N ILE H 86 -29.57 16.04 -23.06
CA ILE H 86 -28.24 16.62 -23.30
C ILE H 86 -27.80 16.38 -24.74
N MET H 87 -27.28 17.44 -25.36
CA MET H 87 -26.65 17.33 -26.67
CA MET H 87 -26.65 17.36 -26.69
C MET H 87 -25.26 17.94 -26.58
N ASN H 88 -24.26 17.14 -26.95
CA ASN H 88 -22.86 17.55 -26.88
C ASN H 88 -22.31 17.87 -28.25
N THR H 89 -21.64 19.02 -28.35
CA THR H 89 -21.06 19.47 -29.62
CA THR H 89 -21.03 19.36 -29.64
C THR H 89 -19.57 19.74 -29.50
N ASN H 90 -18.81 19.10 -30.38
CA ASN H 90 -17.37 19.31 -30.52
C ASN H 90 -16.58 19.07 -29.25
N ARG H 91 -15.35 19.62 -29.28
CA ARG H 91 -14.32 19.46 -28.26
C ARG H 91 -14.86 19.57 -26.87
N HIS H 92 -15.29 20.80 -26.57
CA HIS H 92 -15.66 21.29 -25.24
C HIS H 92 -16.95 20.63 -24.73
N GLY H 93 -17.80 20.19 -25.65
CA GLY H 93 -18.98 19.41 -25.27
C GLY H 93 -18.69 17.93 -25.10
N GLY H 94 -17.56 17.47 -25.62
CA GLY H 94 -17.17 16.06 -25.53
C GLY H 94 -17.81 15.17 -26.57
N GLN H 95 -18.29 15.72 -27.70
CA GLN H 95 -18.94 14.89 -28.73
C GLN H 95 -18.03 13.75 -29.22
N GLU H 96 -18.56 12.54 -29.23
CA GLU H 96 -17.82 11.33 -29.62
C GLU H 96 -18.22 10.80 -31.00
N VAL H 97 -19.50 10.97 -31.35
CA VAL H 97 -20.03 10.47 -32.62
C VAL H 97 -20.56 11.68 -33.39
N TYR H 98 -20.11 11.84 -34.63
CA TYR H 98 -20.39 13.05 -35.43
C TYR H 98 -21.65 12.92 -36.31
N HIS H 99 -22.75 12.66 -35.59
CA HIS H 99 -24.11 12.63 -36.11
C HIS H 99 -24.88 13.12 -34.89
N ILE H 100 -25.60 14.24 -35.01
CA ILE H 100 -26.20 14.83 -33.81
C ILE H 100 -27.15 13.88 -33.11
N HIS H 101 -27.19 14.01 -31.78
CA HIS H 101 -28.10 13.19 -31.03
C HIS H 101 -28.24 13.75 -29.64
N MET H 102 -29.41 13.48 -29.09
CA MET H 102 -29.77 13.93 -27.77
CA MET H 102 -29.81 13.93 -27.75
C MET H 102 -29.84 12.73 -26.83
N HIS H 103 -29.21 12.87 -25.67
CA HIS H 103 -29.28 11.88 -24.60
C HIS H 103 -30.50 12.14 -23.75
N LEU H 104 -31.32 11.11 -23.56
CA LEU H 104 -32.39 11.12 -22.58
C LEU H 104 -31.92 10.29 -21.39
N LEU H 105 -31.78 10.94 -20.24
CA LEU H 105 -31.17 10.36 -19.04
C LEU H 105 -32.16 10.45 -17.90
N GLY H 106 -32.36 9.35 -17.18
CA GLY H 106 -33.21 9.41 -15.99
C GLY H 106 -33.23 8.08 -15.23
N GLY H 107 -34.12 8.01 -14.25
CA GLY H 107 -34.29 6.81 -13.42
C GLY H 107 -33.62 6.94 -12.06
N ARG H 108 -32.96 8.08 -11.84
CA ARG H 108 -32.33 8.42 -10.57
C ARG H 108 -32.06 9.93 -10.57
N PRO H 109 -31.87 10.56 -9.40
CA PRO H 109 -31.54 11.97 -9.35
C PRO H 109 -30.21 12.13 -10.06
N LEU H 110 -30.13 13.07 -10.99
CA LEU H 110 -28.98 13.11 -11.88
C LEU H 110 -27.82 13.97 -11.40
N GLY H 111 -28.05 14.71 -10.32
CA GLY H 111 -27.01 15.55 -9.77
C GLY H 111 -26.83 16.85 -10.54
N PRO H 112 -25.76 17.59 -10.24
CA PRO H 112 -25.61 18.91 -10.81
C PRO H 112 -25.51 18.86 -12.32
N MET H 113 -26.03 19.89 -12.96
CA MET H 113 -26.01 20.00 -14.39
C MET H 113 -24.59 19.98 -14.94
N LEU H 114 -23.69 20.70 -14.27
CA LEU H 114 -22.27 20.71 -14.60
C LEU H 114 -21.36 20.40 -13.41
N ALA H 115 -20.13 19.96 -13.69
CA ALA H 115 -19.10 19.91 -12.66
C ALA H 115 -18.49 21.30 -12.42
N HIS H 116 -19.04 22.32 -13.08
CA HIS H 116 -18.62 23.74 -12.93
C HIS H 116 -18.18 24.07 -11.51
P 5GP I . 10.45 -8.37 13.82
O1P 5GP I . 11.76 -8.44 14.58
O2P 5GP I . 10.61 -7.98 12.39
O3P 5GP I . 9.37 -7.59 14.54
O5' 5GP I . 9.78 -9.83 13.87
C5' 5GP I . 10.20 -10.84 12.97
C4' 5GP I . 9.71 -12.15 13.56
O4' 5GP I . 9.52 -13.08 12.49
C3' 5GP I . 10.74 -12.74 14.50
O3' 5GP I . 10.12 -12.94 15.78
C2' 5GP I . 11.14 -14.07 13.86
O2' 5GP I . 11.30 -15.13 14.81
C1' 5GP I . 9.97 -14.36 12.94
N9 5GP I . 10.37 -15.09 11.71
C8 5GP I . 11.38 -14.78 10.89
N7 5GP I . 11.41 -15.69 9.90
C5 5GP I . 10.41 -16.57 10.10
C6 5GP I . 9.97 -17.71 9.42
O6 5GP I . 10.53 -18.10 8.36
N1 5GP I . 8.91 -18.37 9.91
C2 5GP I . 8.29 -17.98 11.04
N2 5GP I . 7.24 -18.70 11.48
N3 5GP I . 8.69 -16.89 11.72
C4 5GP I . 9.75 -16.18 11.26
C1 EDO J . 2.50 -6.74 33.29
O1 EDO J . 3.14 -5.68 33.99
C2 EDO J . 2.51 -7.97 34.19
O2 EDO J . 3.80 -8.56 34.10
C1 EDO K . 2.81 0.15 30.51
O1 EDO K . 3.82 0.85 31.25
C2 EDO K . 1.49 0.87 30.68
O2 EDO K . 1.74 2.25 30.92
C1 EDO L . 12.85 -23.24 18.20
O1 EDO L . 11.75 -22.70 18.93
C2 EDO L . 12.36 -23.74 16.85
O2 EDO L . 12.56 -22.75 15.84
P 5GP M . -2.01 0.93 29.69
O1P 5GP M . -1.21 0.75 30.92
O2P 5GP M . -3.48 0.78 29.91
O3P 5GP M . -1.50 0.18 28.47
O5' 5GP M . -1.74 2.48 29.29
C5' 5GP M . -2.39 3.52 30.02
C4' 5GP M . -1.56 4.80 29.79
O4' 5GP M . -2.41 5.92 30.01
C3' 5GP M . -0.35 4.93 30.72
O3' 5GP M . 0.89 4.94 29.99
C2' 5GP M . -0.64 6.22 31.49
O2' 5GP M . 0.55 6.94 31.83
C1' 5GP M . -1.58 6.95 30.56
N9 5GP M . -2.53 7.84 31.26
C8 5GP M . -3.35 7.48 32.30
N7 5GP M . -4.09 8.54 32.64
C5 5GP M . -3.76 9.56 31.83
C6 5GP M . -4.18 10.89 31.70
O6 5GP M . -5.06 11.41 32.44
N1 5GP M . -3.65 11.66 30.73
C2 5GP M . -2.71 11.18 29.89
N2 5GP M . -2.21 12.03 28.97
N3 5GP M . -2.25 9.91 29.99
C4 5GP M . -2.79 9.10 30.95
C1 EDO N . -3.93 15.22 26.77
O1 EDO N . -3.65 16.58 27.07
C2 EDO N . -4.73 14.54 27.87
O2 EDO N . -3.93 14.36 29.05
C1 EDO O . 6.87 12.62 25.37
O1 EDO O . 7.44 13.83 24.89
C2 EDO O . 5.46 12.48 24.81
O2 EDO O . 5.50 12.25 23.39
C1 EDO P . 16.76 -1.16 19.04
O1 EDO P . 17.10 -1.03 20.42
C2 EDO P . 15.74 -2.29 18.92
O2 EDO P . 16.39 -3.54 19.18
C1 EDO Q . -14.70 13.18 18.75
O1 EDO Q . -15.88 13.01 19.55
C2 EDO Q . -15.07 13.96 17.50
O2 EDO Q . -14.60 13.25 16.36
C1 EDO R . 11.08 11.72 9.88
O1 EDO R . 9.78 11.38 10.35
C2 EDO R . 11.58 10.60 8.96
O2 EDO R . 10.77 10.57 7.78
C1 EDO S . 3.76 -2.95 32.26
O1 EDO S . 3.46 -3.02 33.66
C2 EDO S . 2.56 -3.46 31.48
O2 EDO S . 2.31 -2.62 30.34
P 5GP T . -3.77 16.23 -22.83
O1P 5GP T . -4.99 16.40 -23.70
O2P 5GP T . -2.76 17.31 -22.96
O3P 5GP T . -3.20 14.83 -22.81
O5' 5GP T . -4.39 16.27 -21.33
C5' 5GP T . -4.48 17.51 -20.63
C4' 5GP T . -5.34 17.20 -19.42
O4' 5GP T . -5.14 18.21 -18.44
C3' 5GP T . -6.84 17.17 -19.75
O3' 5GP T . -7.38 15.88 -19.46
C2' 5GP T . -7.43 18.28 -18.88
O2' 5GP T . -8.74 17.99 -18.36
C1' 5GP T . -6.37 18.46 -17.79
N9 5GP T . -6.34 19.83 -17.26
C8 5GP T . -6.21 20.95 -17.97
N7 5GP T . -6.21 22.00 -17.13
C5 5GP T . -6.32 21.52 -15.86
C6 5GP T . -6.38 22.12 -14.60
O6 5GP T . -6.33 23.36 -14.43
N1 5GP T . -6.52 21.33 -13.53
C2 5GP T . -6.57 19.99 -13.64
N2 5GP T . -6.69 19.25 -12.53
N3 5GP T . -6.52 19.38 -14.85
C4 5GP T . -6.40 20.14 -15.96
C1 EDO U . -11.87 -3.58 -21.50
O1 EDO U . -12.92 -2.86 -22.13
C2 EDO U . -10.62 -3.46 -22.36
O2 EDO U . -10.82 -4.18 -23.58
P 5GP V . -1.83 -5.72 -24.67
O1P 5GP V . -3.17 -5.94 -25.32
O2P 5GP V . -1.37 -6.74 -23.68
O3P 5GP V . -1.61 -4.29 -24.22
O5' 5GP V . -0.79 -5.79 -25.90
C5' 5GP V . -0.33 -7.04 -26.38
C4' 5GP V . 0.22 -6.74 -27.77
O4' 5GP V . 1.24 -7.69 -28.08
C3' 5GP V . -0.86 -6.84 -28.84
O3' 5GP V . -0.88 -5.57 -29.51
C2' 5GP V . -0.36 -7.96 -29.73
O2' 5GP V . -0.62 -7.77 -31.13
C1' 5GP V . 1.13 -8.01 -29.47
N9 5GP V . 1.70 -9.36 -29.61
C8 5GP V . 1.23 -10.49 -29.05
N7 5GP V . 2.04 -11.51 -29.38
C5 5GP V . 3.05 -11.00 -30.13
C6 5GP V . 4.19 -11.55 -30.76
O6 5GP V . 4.44 -12.78 -30.70
N1 5GP V . 5.03 -10.73 -31.45
C2 5GP V . 4.79 -9.42 -31.55
N2 5GP V . 5.63 -8.65 -32.26
N3 5GP V . 3.69 -8.86 -30.98
C4 5GP V . 2.83 -9.64 -30.27
C1 EDO W . 18.03 -3.06 -5.78
O1 EDO W . 17.14 -3.14 -4.67
C2 EDO W . 18.42 -1.59 -5.95
O2 EDO W . 17.28 -0.78 -6.25
P 5GP X . 25.30 -33.93 28.00
O1P 5GP X . 23.93 -34.51 28.01
O2P 5GP X . 26.21 -34.62 28.99
O3P 5GP X . 25.35 -32.43 28.15
O5' 5GP X . 25.97 -34.09 26.53
C5' 5GP X . 26.52 -35.33 26.08
C4' 5GP X . 26.49 -35.28 24.56
O4' 5GP X . 27.45 -36.23 24.08
C3' 5GP X . 25.13 -35.70 23.99
O3' 5GP X . 24.59 -34.64 23.18
C2' 5GP X . 25.41 -36.97 23.20
O2' 5GP X . 24.65 -37.11 22.00
C1' 5GP X . 26.91 -36.87 22.93
N9 5GP X . 27.57 -38.18 22.83
C8 5GP X . 27.49 -39.20 23.73
N7 5GP X . 28.28 -40.22 23.31
C5 5GP X . 28.84 -39.82 22.15
C6 5GP X . 29.73 -40.43 21.28
O6 5GP X . 30.17 -41.60 21.48
N1 5GP X . 30.13 -39.76 20.19
C2 5GP X . 29.70 -38.50 19.93
N2 5GP X . 30.13 -37.85 18.82
N3 5GP X . 28.82 -37.89 20.76
C4 5GP X . 28.42 -38.53 21.87
C1 EDO Y . 26.87 -31.59 13.74
O1 EDO Y . 27.46 -30.29 13.62
C2 EDO Y . 25.50 -31.62 13.08
O2 EDO Y . 25.63 -31.27 11.71
C1 EDO Z . 32.17 -21.05 6.19
O1 EDO Z . 33.45 -21.65 6.46
C2 EDO Z . 32.28 -19.55 6.45
O2 EDO Z . 33.16 -18.98 5.50
C1 EDO AA . 48.65 -26.18 39.55
O1 EDO AA . 48.22 -26.10 40.91
C2 EDO AA . 48.76 -24.74 39.05
O2 EDO AA . 47.47 -24.11 39.09
C1 EDO BA . 22.20 -33.79 25.79
O1 EDO BA . 22.00 -33.07 27.02
C2 EDO BA . 20.82 -34.17 25.24
O2 EDO BA . 20.00 -33.01 25.20
P 5GP CA . 20.63 -12.28 26.83
O1P 5GP CA . 19.22 -12.38 26.37
O2P 5GP CA . 21.45 -11.18 26.19
O3P 5GP CA . 21.37 -13.61 26.81
O5' 5GP CA . 20.53 -11.97 28.41
C5' 5GP CA . 20.38 -10.63 28.87
C4' 5GP CA . 20.05 -10.80 30.35
O4' 5GP CA . 20.40 -9.60 31.01
C3' 5GP CA . 18.57 -11.05 30.57
O3' 5GP CA . 18.39 -12.31 31.26
C2' 5GP CA . 18.13 -9.81 31.33
O2' 5GP CA . 17.03 -10.04 32.22
C1' 5GP CA . 19.42 -9.34 31.99
N9 5GP CA . 19.46 -7.89 32.26
C8 5GP CA . 19.21 -6.93 31.33
N7 5GP CA . 19.35 -5.74 31.94
C5 5GP CA . 19.67 -5.95 33.23
C6 5GP CA . 19.93 -5.12 34.31
O6 5GP CA . 19.86 -3.89 34.17
N1 5GP CA . 20.25 -5.67 35.50
C2 5GP CA . 20.32 -7.01 35.67
N2 5GP CA . 20.64 -7.52 36.87
N3 5GP CA . 20.06 -7.86 34.64
C4 5GP CA . 19.76 -7.32 33.42
C1 EDO DA . 33.58 -2.30 31.33
O1 EDO DA . 32.93 -1.47 30.35
C2 EDO DA . 33.49 -1.72 32.74
O2 EDO DA . 34.07 -0.41 32.78
C1 EDO EA . 11.91 -18.91 39.39
O1 EDO EA . 12.02 -17.50 39.33
C2 EDO EA . 11.38 -19.45 38.05
O2 EDO EA . 11.55 -20.87 38.00
P 5GP FA . -33.33 24.93 -14.22
O1P 5GP FA . -34.79 25.09 -14.09
O2P 5GP FA . -32.88 24.04 -15.37
O3P 5GP FA . -32.56 24.62 -12.96
O5' 5GP FA . -32.72 26.33 -14.69
C5' 5GP FA . -33.37 27.53 -14.30
C4' 5GP FA . -32.35 28.62 -14.57
O4' 5GP FA . -33.07 29.86 -14.64
C3' 5GP FA . -31.23 28.77 -13.53
O3' 5GP FA . -29.98 28.58 -14.17
C2' 5GP FA . -31.40 30.21 -13.06
O2' 5GP FA . -30.17 30.88 -12.75
C1' 5GP FA . -32.17 30.87 -14.18
N9 5GP FA . -33.01 32.00 -13.72
C8 5GP FA . -33.90 31.93 -12.72
N7 5GP FA . -34.48 33.13 -12.58
C5 5GP FA . -33.96 33.96 -13.52
C6 5GP FA . -34.16 35.29 -13.85
O6 5GP FA . -34.97 36.03 -13.23
N1 5GP FA . -33.45 35.79 -14.87
C2 5GP FA . -32.56 35.07 -15.56
N2 5GP FA . -31.89 35.68 -16.57
N3 5GP FA . -32.32 33.77 -15.26
C4 5GP FA . -33.03 33.21 -14.24
C1 EDO GA . -14.97 18.23 -22.34
O1 EDO GA . -14.30 18.62 -21.14
C2 EDO GA . -15.49 16.80 -22.14
O2 EDO GA . -14.38 15.88 -22.25
C1 EDO HA . -17.39 36.76 -30.13
O1 EDO HA . -18.62 37.42 -30.41
C2 EDO HA . -16.95 36.00 -31.38
O2 EDO HA . -16.60 36.95 -32.39
P 5GP IA . -21.53 11.83 -27.29
O1P 5GP IA . -20.37 11.64 -26.33
O2P 5GP IA . -21.20 12.02 -28.74
O3P 5GP IA . -22.50 12.83 -26.68
O5' 5GP IA . -22.39 10.47 -27.17
C5' 5GP IA . -21.98 9.30 -27.87
C4' 5GP IA . -22.80 8.20 -27.20
O4' 5GP IA . -23.01 7.20 -28.18
C3' 5GP IA . -22.07 7.61 -26.01
O3' 5GP IA . -22.93 7.70 -24.86
C2' 5GP IA . -21.84 6.17 -26.46
O2' 5GP IA . -21.87 5.21 -25.38
C1' 5GP IA . -22.91 5.93 -27.53
N9 5GP IA . -22.50 4.93 -28.54
C8 5GP IA . -21.34 4.94 -29.21
N7 5GP IA . -21.33 3.91 -30.06
C5 5GP IA . -22.51 3.24 -29.93
C6 5GP IA . -23.06 2.12 -30.53
O6 5GP IA . -22.41 1.45 -31.40
N1 5GP IA . -24.29 1.74 -30.16
C2 5GP IA . -24.99 2.41 -29.23
N2 5GP IA . -26.22 1.94 -28.90
N3 5GP IA . -24.50 3.49 -28.59
C4 5GP IA . -23.26 3.93 -28.97
C1 EDO JA . -31.34 -3.14 -44.08
O1 EDO JA . -30.78 -3.40 -42.79
C2 EDO JA . -30.27 -2.60 -45.02
O2 EDO JA . -29.85 -1.25 -44.71
C1 EDO KA . -18.55 14.29 -22.01
O1 EDO KA . -18.81 13.25 -21.05
C2 EDO KA . -19.35 14.06 -23.30
O2 EDO KA . -19.23 12.70 -23.77
C1 EDO LA . -31.73 7.01 -43.36
O1 EDO LA . -31.27 5.93 -44.19
C2 EDO LA . -31.57 8.35 -44.07
O2 EDO LA . -30.29 8.39 -44.74
C1 EDO MA . -26.87 -1.22 -27.45
O1 EDO MA . -26.48 -2.08 -28.52
C2 EDO MA . -28.38 -1.04 -27.46
O2 EDO MA . -28.81 -0.04 -28.39
C1 EDO NA . -43.83 4.68 -33.32
O1 EDO NA . -44.80 5.06 -34.31
C2 EDO NA . -42.90 3.61 -33.89
O2 EDO NA . -41.81 3.36 -32.97
C1 EDO OA . -40.20 13.62 -7.48
O1 EDO OA . -38.98 12.87 -7.57
C2 EDO OA . -41.34 12.84 -8.15
O2 EDO OA . -42.57 13.58 -8.10
#